data_2QK0
# 
_entry.id   2QK0 
# 
_audit_conform.dict_name       mmcif_pdbx.dic 
_audit_conform.dict_version    5.398 
_audit_conform.dict_location   http://mmcif.pdb.org/dictionaries/ascii/mmcif_pdbx.dic 
# 
loop_
_database_2.database_id 
_database_2.database_code 
_database_2.pdbx_database_accession 
_database_2.pdbx_DOI 
PDB   2QK0         pdb_00002qk0 10.2210/pdb2qk0/pdb 
RCSB  RCSB043694   ?            ?                   
WWPDB D_1000043694 ?            ?                   
# 
loop_
_pdbx_audit_revision_history.ordinal 
_pdbx_audit_revision_history.data_content_type 
_pdbx_audit_revision_history.major_revision 
_pdbx_audit_revision_history.minor_revision 
_pdbx_audit_revision_history.revision_date 
1 'Structure model' 1 0 2007-10-02 
2 'Structure model' 1 1 2011-07-13 
3 'Structure model' 1 2 2017-10-18 
4 'Structure model' 1 3 2021-10-20 
5 'Structure model' 1 4 2024-11-06 
# 
_pdbx_audit_revision_details.ordinal             1 
_pdbx_audit_revision_details.revision_ordinal    1 
_pdbx_audit_revision_details.data_content_type   'Structure model' 
_pdbx_audit_revision_details.provider            repository 
_pdbx_audit_revision_details.type                'Initial release' 
_pdbx_audit_revision_details.description         ? 
_pdbx_audit_revision_details.details             ? 
# 
loop_
_pdbx_audit_revision_group.ordinal 
_pdbx_audit_revision_group.revision_ordinal 
_pdbx_audit_revision_group.data_content_type 
_pdbx_audit_revision_group.group 
1 2 'Structure model' 'Version format compliance' 
2 3 'Structure model' 'Refinement description'    
3 4 'Structure model' 'Database references'       
4 4 'Structure model' 'Derived calculations'      
5 5 'Structure model' 'Data collection'           
6 5 'Structure model' 'Structure summary'         
# 
loop_
_pdbx_audit_revision_category.ordinal 
_pdbx_audit_revision_category.revision_ordinal 
_pdbx_audit_revision_category.data_content_type 
_pdbx_audit_revision_category.category 
1 3 'Structure model' software                  
2 4 'Structure model' database_2                
3 4 'Structure model' struct_conn               
4 4 'Structure model' struct_ref_seq_dif        
5 5 'Structure model' chem_comp_atom            
6 5 'Structure model' chem_comp_bond            
7 5 'Structure model' pdbx_entry_details        
8 5 'Structure model' pdbx_modification_feature 
# 
loop_
_pdbx_audit_revision_item.ordinal 
_pdbx_audit_revision_item.revision_ordinal 
_pdbx_audit_revision_item.data_content_type 
_pdbx_audit_revision_item.item 
1 4 'Structure model' '_database_2.pdbx_DOI'                
2 4 'Structure model' '_database_2.pdbx_database_accession' 
3 4 'Structure model' '_struct_conn.pdbx_leaving_atom_flag' 
4 4 'Structure model' '_struct_ref_seq_dif.details'         
# 
_pdbx_database_status.entry_id                        2QK0 
_pdbx_database_status.deposit_site                    RCSB 
_pdbx_database_status.process_site                    RCSB 
_pdbx_database_status.recvd_initial_deposition_date   2007-07-09 
_pdbx_database_status.status_code                     REL 
_pdbx_database_status.status_code_sf                  REL 
_pdbx_database_status.status_code_mr                  ? 
_pdbx_database_status.SG_entry                        ? 
_pdbx_database_status.pdb_format_compatible           Y 
_pdbx_database_status.status_code_cs                  ? 
_pdbx_database_status.methods_development_category    ? 
_pdbx_database_status.status_code_nmr_data            ? 
# 
loop_
_pdbx_database_related.db_name 
_pdbx_database_related.db_id 
_pdbx_database_related.details 
_pdbx_database_related.content_type 
PDB 2QJX . unspecified 
PDB 2QJZ . unspecified 
PDB 2QK1 . unspecified 
PDB 2QK2 . unspecified 
# 
loop_
_audit_author.name 
_audit_author.pdbx_ordinal 
'Slep, K.C.' 1 
'Vale, R.D.' 2 
# 
_citation.id                        primary 
_citation.title                     'Structural Basis of Microtubule Plus End Tracking by XMAP215, CLIP-170, and EB1.' 
_citation.journal_abbrev            Mol.Cell 
_citation.journal_volume            27 
_citation.page_first                976 
_citation.page_last                 991 
_citation.year                      2007 
_citation.journal_id_ASTM           MOCEFL 
_citation.country                   US 
_citation.journal_id_ISSN           1097-2765 
_citation.journal_id_CSD            2168 
_citation.book_publisher            ? 
_citation.pdbx_database_id_PubMed   17889670 
_citation.pdbx_database_id_DOI      10.1016/j.molcel.2007.07.023 
# 
loop_
_citation_author.citation_id 
_citation_author.name 
_citation_author.ordinal 
_citation_author.identifier_ORCID 
primary 'Slep, K.C.' 1 ? 
primary 'Vale, R.D.' 2 ? 
# 
loop_
_entity.id 
_entity.type 
_entity.src_method 
_entity.pdbx_description 
_entity.formula_weight 
_entity.pdbx_number_of_molecules 
_entity.pdbx_ec 
_entity.pdbx_mutation 
_entity.pdbx_fragment 
_entity.details 
1 polymer man 'CAP-Gly domain-containing linker protein 1' 8243.236 1  ? L124M 'Cap-Gly domain 1' ? 
2 water   nat water                                        18.015   66 ? ?     ?                  ? 
# 
_entity_name_com.entity_id   1 
_entity_name_com.name        
;Restin, Cytoplasmic linker protein 170 alpha-2, CLIP-170, Reed-Sternberg intermediate filament-associated protein, Cytoplasmic linker protein 1
;
# 
_entity_poly.entity_id                      1 
_entity_poly.type                           'polypeptide(L)' 
_entity_poly.nstd_linkage                   no 
_entity_poly.nstd_monomer                   yes 
_entity_poly.pdbx_seq_one_letter_code       'GSDFRVGERVWVNGNKPGFIQFLGETQFAPGQWAGIVLDEPIGKNDGSVAGVRYFQCEPLKGIFTRPSK(MSE)TRKV' 
_entity_poly.pdbx_seq_one_letter_code_can   GSDFRVGERVWVNGNKPGFIQFLGETQFAPGQWAGIVLDEPIGKNDGSVAGVRYFQCEPLKGIFTRPSKMTRKV 
_entity_poly.pdbx_strand_id                 A 
_entity_poly.pdbx_target_identifier         ? 
# 
_pdbx_entity_nonpoly.entity_id   2 
_pdbx_entity_nonpoly.name        water 
_pdbx_entity_nonpoly.comp_id     HOH 
# 
loop_
_entity_poly_seq.entity_id 
_entity_poly_seq.num 
_entity_poly_seq.mon_id 
_entity_poly_seq.hetero 
1 1  GLY n 
1 2  SER n 
1 3  ASP n 
1 4  PHE n 
1 5  ARG n 
1 6  VAL n 
1 7  GLY n 
1 8  GLU n 
1 9  ARG n 
1 10 VAL n 
1 11 TRP n 
1 12 VAL n 
1 13 ASN n 
1 14 GLY n 
1 15 ASN n 
1 16 LYS n 
1 17 PRO n 
1 18 GLY n 
1 19 PHE n 
1 20 ILE n 
1 21 GLN n 
1 22 PHE n 
1 23 LEU n 
1 24 GLY n 
1 25 GLU n 
1 26 THR n 
1 27 GLN n 
1 28 PHE n 
1 29 ALA n 
1 30 PRO n 
1 31 GLY n 
1 32 GLN n 
1 33 TRP n 
1 34 ALA n 
1 35 GLY n 
1 36 ILE n 
1 37 VAL n 
1 38 LEU n 
1 39 ASP n 
1 40 GLU n 
1 41 PRO n 
1 42 ILE n 
1 43 GLY n 
1 44 LYS n 
1 45 ASN n 
1 46 ASP n 
1 47 GLY n 
1 48 SER n 
1 49 VAL n 
1 50 ALA n 
1 51 GLY n 
1 52 VAL n 
1 53 ARG n 
1 54 TYR n 
1 55 PHE n 
1 56 GLN n 
1 57 CYS n 
1 58 GLU n 
1 59 PRO n 
1 60 LEU n 
1 61 LYS n 
1 62 GLY n 
1 63 ILE n 
1 64 PHE n 
1 65 THR n 
1 66 ARG n 
1 67 PRO n 
1 68 SER n 
1 69 LYS n 
1 70 MSE n 
1 71 THR n 
1 72 ARG n 
1 73 LYS n 
1 74 VAL n 
# 
_entity_src_gen.entity_id                          1 
_entity_src_gen.pdbx_src_id                        1 
_entity_src_gen.pdbx_alt_source_flag               sample 
_entity_src_gen.pdbx_seq_type                      ? 
_entity_src_gen.pdbx_beg_seq_num                   ? 
_entity_src_gen.pdbx_end_seq_num                   ? 
_entity_src_gen.gene_src_common_name               human 
_entity_src_gen.gene_src_genus                     Homo 
_entity_src_gen.pdbx_gene_src_gene                 'CLIP1, CYLN1, RSN' 
_entity_src_gen.gene_src_species                   ? 
_entity_src_gen.gene_src_strain                    ? 
_entity_src_gen.gene_src_tissue                    ? 
_entity_src_gen.gene_src_tissue_fraction           ? 
_entity_src_gen.gene_src_details                   ? 
_entity_src_gen.pdbx_gene_src_fragment             ? 
_entity_src_gen.pdbx_gene_src_scientific_name      'Homo sapiens' 
_entity_src_gen.pdbx_gene_src_ncbi_taxonomy_id     9606 
_entity_src_gen.pdbx_gene_src_variant              ? 
_entity_src_gen.pdbx_gene_src_cell_line            ? 
_entity_src_gen.pdbx_gene_src_atcc                 ? 
_entity_src_gen.pdbx_gene_src_organ                ? 
_entity_src_gen.pdbx_gene_src_organelle            ? 
_entity_src_gen.pdbx_gene_src_cell                 ? 
_entity_src_gen.pdbx_gene_src_cellular_location    ? 
_entity_src_gen.host_org_common_name               ? 
_entity_src_gen.pdbx_host_org_scientific_name      'Escherichia coli' 
_entity_src_gen.pdbx_host_org_ncbi_taxonomy_id     562 
_entity_src_gen.host_org_genus                     Escherichia 
_entity_src_gen.pdbx_host_org_gene                 ? 
_entity_src_gen.pdbx_host_org_organ                ? 
_entity_src_gen.host_org_species                   ? 
_entity_src_gen.pdbx_host_org_tissue               ? 
_entity_src_gen.pdbx_host_org_tissue_fraction      ? 
_entity_src_gen.pdbx_host_org_strain               'BL21 DE3 pLysS' 
_entity_src_gen.pdbx_host_org_variant              ? 
_entity_src_gen.pdbx_host_org_cell_line            ? 
_entity_src_gen.pdbx_host_org_atcc                 ? 
_entity_src_gen.pdbx_host_org_culture_collection   ? 
_entity_src_gen.pdbx_host_org_cell                 ? 
_entity_src_gen.pdbx_host_org_organelle            ? 
_entity_src_gen.pdbx_host_org_cellular_location    ? 
_entity_src_gen.pdbx_host_org_vector_type          plasmid 
_entity_src_gen.pdbx_host_org_vector               ? 
_entity_src_gen.host_org_details                   ? 
_entity_src_gen.expression_system_id               ? 
_entity_src_gen.plasmid_name                       pET15b 
_entity_src_gen.plasmid_details                    ? 
_entity_src_gen.pdbx_description                   ? 
# 
loop_
_chem_comp.id 
_chem_comp.type 
_chem_comp.mon_nstd_flag 
_chem_comp.name 
_chem_comp.pdbx_synonyms 
_chem_comp.formula 
_chem_comp.formula_weight 
ALA 'L-peptide linking' y ALANINE          ? 'C3 H7 N O2'     89.093  
ARG 'L-peptide linking' y ARGININE         ? 'C6 H15 N4 O2 1' 175.209 
ASN 'L-peptide linking' y ASPARAGINE       ? 'C4 H8 N2 O3'    132.118 
ASP 'L-peptide linking' y 'ASPARTIC ACID'  ? 'C4 H7 N O4'     133.103 
CYS 'L-peptide linking' y CYSTEINE         ? 'C3 H7 N O2 S'   121.158 
GLN 'L-peptide linking' y GLUTAMINE        ? 'C5 H10 N2 O3'   146.144 
GLU 'L-peptide linking' y 'GLUTAMIC ACID'  ? 'C5 H9 N O4'     147.129 
GLY 'peptide linking'   y GLYCINE          ? 'C2 H5 N O2'     75.067  
HOH non-polymer         . WATER            ? 'H2 O'           18.015  
ILE 'L-peptide linking' y ISOLEUCINE       ? 'C6 H13 N O2'    131.173 
LEU 'L-peptide linking' y LEUCINE          ? 'C6 H13 N O2'    131.173 
LYS 'L-peptide linking' y LYSINE           ? 'C6 H15 N2 O2 1' 147.195 
MSE 'L-peptide linking' n SELENOMETHIONINE ? 'C5 H11 N O2 Se' 196.106 
PHE 'L-peptide linking' y PHENYLALANINE    ? 'C9 H11 N O2'    165.189 
PRO 'L-peptide linking' y PROLINE          ? 'C5 H9 N O2'     115.130 
SER 'L-peptide linking' y SERINE           ? 'C3 H7 N O3'     105.093 
THR 'L-peptide linking' y THREONINE        ? 'C4 H9 N O3'     119.119 
TRP 'L-peptide linking' y TRYPTOPHAN       ? 'C11 H12 N2 O2'  204.225 
TYR 'L-peptide linking' y TYROSINE         ? 'C9 H11 N O3'    181.189 
VAL 'L-peptide linking' y VALINE           ? 'C5 H11 N O2'    117.146 
# 
loop_
_pdbx_poly_seq_scheme.asym_id 
_pdbx_poly_seq_scheme.entity_id 
_pdbx_poly_seq_scheme.seq_id 
_pdbx_poly_seq_scheme.mon_id 
_pdbx_poly_seq_scheme.ndb_seq_num 
_pdbx_poly_seq_scheme.pdb_seq_num 
_pdbx_poly_seq_scheme.auth_seq_num 
_pdbx_poly_seq_scheme.pdb_mon_id 
_pdbx_poly_seq_scheme.auth_mon_id 
_pdbx_poly_seq_scheme.pdb_strand_id 
_pdbx_poly_seq_scheme.pdb_ins_code 
_pdbx_poly_seq_scheme.hetero 
A 1 1  GLY 1  28  28  GLY GLY A . n 
A 1 2  SER 2  29  29  SER SER A . n 
A 1 3  ASP 3  30  30  ASP ASP A . n 
A 1 4  PHE 4  31  31  PHE PHE A . n 
A 1 5  ARG 5  32  32  ARG ARG A . n 
A 1 6  VAL 6  33  33  VAL VAL A . n 
A 1 7  GLY 7  34  34  GLY GLY A . n 
A 1 8  GLU 8  35  35  GLU GLU A . n 
A 1 9  ARG 9  36  36  ARG ARG A . n 
A 1 10 VAL 10 37  37  VAL VAL A . n 
A 1 11 TRP 11 38  38  TRP TRP A . n 
A 1 12 VAL 12 39  39  VAL VAL A . n 
A 1 13 ASN 13 40  40  ASN ASN A . n 
A 1 14 GLY 14 41  41  GLY GLY A . n 
A 1 15 ASN 15 42  42  ASN ASN A . n 
A 1 16 LYS 16 43  43  LYS LYS A . n 
A 1 17 PRO 17 44  44  PRO PRO A . n 
A 1 18 GLY 18 45  45  GLY GLY A . n 
A 1 19 PHE 19 46  46  PHE PHE A . n 
A 1 20 ILE 20 47  47  ILE ILE A . n 
A 1 21 GLN 21 48  48  GLN GLN A . n 
A 1 22 PHE 22 49  49  PHE PHE A . n 
A 1 23 LEU 23 50  50  LEU LEU A . n 
A 1 24 GLY 24 51  51  GLY GLY A . n 
A 1 25 GLU 25 52  52  GLU GLU A . n 
A 1 26 THR 26 53  53  THR THR A . n 
A 1 27 GLN 27 54  54  GLN GLN A . n 
A 1 28 PHE 28 55  55  PHE PHE A . n 
A 1 29 ALA 29 56  56  ALA ALA A . n 
A 1 30 PRO 30 57  57  PRO PRO A . n 
A 1 31 GLY 31 58  58  GLY GLY A . n 
A 1 32 GLN 32 59  59  GLN GLN A . n 
A 1 33 TRP 33 60  60  TRP TRP A . n 
A 1 34 ALA 34 61  61  ALA ALA A . n 
A 1 35 GLY 35 62  62  GLY GLY A . n 
A 1 36 ILE 36 63  63  ILE ILE A . n 
A 1 37 VAL 37 64  64  VAL VAL A . n 
A 1 38 LEU 38 65  65  LEU LEU A . n 
A 1 39 ASP 39 66  66  ASP ASP A . n 
A 1 40 GLU 40 67  67  GLU GLU A . n 
A 1 41 PRO 41 68  68  PRO PRO A . n 
A 1 42 ILE 42 69  69  ILE ILE A . n 
A 1 43 GLY 43 70  70  GLY GLY A . n 
A 1 44 LYS 44 71  71  LYS LYS A . n 
A 1 45 ASN 45 72  72  ASN ASN A . n 
A 1 46 ASP 46 73  73  ASP ASP A . n 
A 1 47 GLY 47 74  74  GLY GLY A . n 
A 1 48 SER 48 75  75  SER SER A . n 
A 1 49 VAL 49 76  76  VAL VAL A . n 
A 1 50 ALA 50 77  77  ALA ALA A . n 
A 1 51 GLY 51 78  78  GLY GLY A . n 
A 1 52 VAL 52 79  79  VAL VAL A . n 
A 1 53 ARG 53 80  80  ARG ARG A . n 
A 1 54 TYR 54 81  81  TYR TYR A . n 
A 1 55 PHE 55 82  82  PHE PHE A . n 
A 1 56 GLN 56 83  83  GLN GLN A . n 
A 1 57 CYS 57 84  84  CYS CYS A . n 
A 1 58 GLU 58 85  85  GLU GLU A . n 
A 1 59 PRO 59 86  86  PRO PRO A . n 
A 1 60 LEU 60 87  87  LEU LEU A . n 
A 1 61 LYS 61 88  88  LYS LYS A . n 
A 1 62 GLY 62 89  89  GLY GLY A . n 
A 1 63 ILE 63 90  90  ILE ILE A . n 
A 1 64 PHE 64 91  91  PHE PHE A . n 
A 1 65 THR 65 92  92  THR THR A . n 
A 1 66 ARG 66 93  93  ARG ARG A . n 
A 1 67 PRO 67 94  94  PRO PRO A . n 
A 1 68 SER 68 95  95  SER SER A . n 
A 1 69 LYS 69 96  96  LYS LYS A . n 
A 1 70 MSE 70 97  97  MSE MSE A . n 
A 1 71 THR 71 98  98  THR THR A . n 
A 1 72 ARG 72 99  99  ARG ARG A . n 
A 1 73 LYS 73 100 100 LYS LYS A . n 
A 1 74 VAL 74 101 ?   ?   ?   A . n 
# 
loop_
_pdbx_nonpoly_scheme.asym_id 
_pdbx_nonpoly_scheme.entity_id 
_pdbx_nonpoly_scheme.mon_id 
_pdbx_nonpoly_scheme.ndb_seq_num 
_pdbx_nonpoly_scheme.pdb_seq_num 
_pdbx_nonpoly_scheme.auth_seq_num 
_pdbx_nonpoly_scheme.pdb_mon_id 
_pdbx_nonpoly_scheme.auth_mon_id 
_pdbx_nonpoly_scheme.pdb_strand_id 
_pdbx_nonpoly_scheme.pdb_ins_code 
B 2 HOH 1  102 1  HOH HOH A . 
B 2 HOH 2  103 2  HOH HOH A . 
B 2 HOH 3  104 3  HOH HOH A . 
B 2 HOH 4  105 4  HOH HOH A . 
B 2 HOH 5  106 5  HOH HOH A . 
B 2 HOH 6  107 6  HOH HOH A . 
B 2 HOH 7  108 7  HOH HOH A . 
B 2 HOH 8  109 8  HOH HOH A . 
B 2 HOH 9  110 9  HOH HOH A . 
B 2 HOH 10 111 10 HOH HOH A . 
B 2 HOH 11 112 11 HOH HOH A . 
B 2 HOH 12 113 12 HOH HOH A . 
B 2 HOH 13 114 13 HOH HOH A . 
B 2 HOH 14 115 14 HOH HOH A . 
B 2 HOH 15 116 15 HOH HOH A . 
B 2 HOH 16 117 16 HOH HOH A . 
B 2 HOH 17 118 17 HOH HOH A . 
B 2 HOH 18 119 18 HOH HOH A . 
B 2 HOH 19 120 19 HOH HOH A . 
B 2 HOH 20 121 20 HOH HOH A . 
B 2 HOH 21 122 21 HOH HOH A . 
B 2 HOH 22 123 22 HOH HOH A . 
B 2 HOH 23 124 23 HOH HOH A . 
B 2 HOH 24 125 24 HOH HOH A . 
B 2 HOH 25 126 25 HOH HOH A . 
B 2 HOH 26 127 26 HOH HOH A . 
B 2 HOH 27 128 27 HOH HOH A . 
B 2 HOH 28 129 28 HOH HOH A . 
B 2 HOH 29 130 29 HOH HOH A . 
B 2 HOH 30 131 30 HOH HOH A . 
B 2 HOH 31 132 31 HOH HOH A . 
B 2 HOH 32 133 32 HOH HOH A . 
B 2 HOH 33 134 33 HOH HOH A . 
B 2 HOH 34 135 34 HOH HOH A . 
B 2 HOH 35 136 35 HOH HOH A . 
B 2 HOH 36 137 36 HOH HOH A . 
B 2 HOH 37 138 37 HOH HOH A . 
B 2 HOH 38 139 38 HOH HOH A . 
B 2 HOH 39 140 39 HOH HOH A . 
B 2 HOH 40 141 40 HOH HOH A . 
B 2 HOH 41 142 41 HOH HOH A . 
B 2 HOH 42 143 42 HOH HOH A . 
B 2 HOH 43 144 43 HOH HOH A . 
B 2 HOH 44 145 44 HOH HOH A . 
B 2 HOH 45 146 45 HOH HOH A . 
B 2 HOH 46 147 46 HOH HOH A . 
B 2 HOH 47 148 47 HOH HOH A . 
B 2 HOH 48 149 48 HOH HOH A . 
B 2 HOH 49 150 49 HOH HOH A . 
B 2 HOH 50 151 50 HOH HOH A . 
B 2 HOH 51 152 51 HOH HOH A . 
B 2 HOH 52 153 52 HOH HOH A . 
B 2 HOH 53 154 53 HOH HOH A . 
B 2 HOH 54 155 54 HOH HOH A . 
B 2 HOH 55 156 55 HOH HOH A . 
B 2 HOH 56 157 56 HOH HOH A . 
B 2 HOH 57 158 57 HOH HOH A . 
B 2 HOH 58 159 58 HOH HOH A . 
B 2 HOH 59 160 59 HOH HOH A . 
B 2 HOH 60 161 60 HOH HOH A . 
B 2 HOH 61 162 61 HOH HOH A . 
B 2 HOH 62 163 62 HOH HOH A . 
B 2 HOH 63 164 63 HOH HOH A . 
B 2 HOH 64 165 64 HOH HOH A . 
B 2 HOH 65 166 65 HOH HOH A . 
B 2 HOH 66 167 66 HOH HOH A . 
# 
loop_
_software.name 
_software.version 
_software.date 
_software.type 
_software.contact_author 
_software.contact_author_email 
_software.classification 
_software.location 
_software.language 
_software.citation_id 
_software.pdbx_ordinal 
DENZO       .     ?                package 'Zbyszek Otwinowski' zbyszek@mix.swmed.edu    'data reduction'  
http://www.lnls.br/infra/linhasluz/denzo-hkl.htm ?          ? 1 
SCALEPACK   .     ?                package 'Zbyszek Otwinowski' zbyszek@mix.swmed.edu    'data scaling'    
http://www.lnls.br/infra/linhasluz/denzo-hkl.htm ?          ? 2 
CNS         .     ?                package 'Axel T. Brunger'    axel.brunger@yale.edu    phasing           
http://cns.csb.yale.edu/v1.1/                    Fortran_77 ? 3 
CNS         .     ?                package 'Axel T. Brunger'    axel.brunger@yale.edu    refinement        
http://cns.csb.yale.edu/v1.1/                    Fortran_77 ? 4 
REFMAC      .     ?                program 'Murshudov, G.N.'    ccp4@dl.ac.uk            refinement        
http://www.ccp4.ac.uk/main.html                  Fortran_77 ? 5 
PDB_EXTRACT 2.000 'April. 3, 2006' package PDB                  sw-help@rcsb.rutgers.edu 'data extraction' 
http://pdb.rutgers.edu/software/                 C++        ? 6 
Blu-Ice     .     ?                ?       ?                    ?                        'data collection' ? ?          ? 7 
# 
_cell.length_a           27.242 
_cell.length_b           42.533 
_cell.length_c           51.806 
_cell.angle_alpha        90.000 
_cell.angle_beta         90.000 
_cell.angle_gamma        90.000 
_cell.entry_id           2QK0 
_cell.pdbx_unique_axis   ? 
_cell.Z_PDB              4 
_cell.length_a_esd       ? 
_cell.length_b_esd       ? 
_cell.length_c_esd       ? 
_cell.angle_alpha_esd    ? 
_cell.angle_beta_esd     ? 
_cell.angle_gamma_esd    ? 
# 
_symmetry.space_group_name_H-M             'P 21 21 21' 
_symmetry.entry_id                         2QK0 
_symmetry.Int_Tables_number                19 
_symmetry.pdbx_full_space_group_name_H-M   ? 
_symmetry.cell_setting                     ? 
_symmetry.space_group_name_Hall            ? 
# 
_exptl.crystals_number   1 
_exptl.entry_id          2QK0 
_exptl.method            'X-RAY DIFFRACTION' 
# 
_exptl_crystal.id                    1 
_exptl_crystal.density_Matthews      1.82 
_exptl_crystal.density_meas          ? 
_exptl_crystal.density_percent_sol   32.39 
_exptl_crystal.description           ? 
_exptl_crystal.F_000                 ? 
_exptl_crystal.preparation           ? 
# 
_exptl_crystal_grow.crystal_id      1 
_exptl_crystal_grow.method          'VAPOR DIFFUSION, HANGING DROP' 
_exptl_crystal_grow.pH              9.0 
_exptl_crystal_grow.temp            293 
_exptl_crystal_grow.temp_details    ? 
_exptl_crystal_grow.pdbx_details    
;1.2 M Sodium malonate, 100 mM Glycine, 1.1 mM Lanthanum chloride, Protein concentration 15 mg/ml, pH 9.0, VAPOR DIFFUSION, HANGING DROP, temperature 293K
;
_exptl_crystal_grow.pdbx_pH_range   . 
# 
loop_
_diffrn.id 
_diffrn.ambient_temp 
_diffrn.ambient_temp_details 
_diffrn.crystal_id 
1 100 ? 1 
2 ?   ? 1 
# 
_diffrn_detector.diffrn_id              1 
_diffrn_detector.detector               CCD 
_diffrn_detector.type                   'ADSC QUANTUM 315' 
_diffrn_detector.pdbx_collection_date   2002-07-23 
_diffrn_detector.details                ? 
# 
_diffrn_radiation.diffrn_id                        1 
_diffrn_radiation.wavelength_id                    1 
_diffrn_radiation.pdbx_diffrn_protocol             MAD 
_diffrn_radiation.monochromator                    ? 
_diffrn_radiation.pdbx_monochromatic_or_laue_m_l   M 
_diffrn_radiation.pdbx_scattering_type             x-ray 
# 
loop_
_diffrn_radiation_wavelength.id 
_diffrn_radiation_wavelength.wavelength 
_diffrn_radiation_wavelength.wt 
1 0.97964 1.0 
2 1.12713 1.0 
# 
_diffrn_source.diffrn_id                   1 
_diffrn_source.source                      SYNCHROTRON 
_diffrn_source.type                        'ALS BEAMLINE 8.2.2' 
_diffrn_source.pdbx_wavelength             ? 
_diffrn_source.pdbx_wavelength_list        '0.97964, 1.12713' 
_diffrn_source.pdbx_synchrotron_site       ALS 
_diffrn_source.pdbx_synchrotron_beamline   8.2.2 
# 
_reflns.entry_id                     2QK0 
_reflns.d_resolution_high            2.000 
_reflns.d_resolution_low             50.000 
_reflns.number_obs                   7855 
_reflns.pdbx_Rmerge_I_obs            0.046 
_reflns.pdbx_netI_over_sigmaI        37.600 
_reflns.pdbx_chi_squared             1.004 
_reflns.percent_possible_obs         99.400 
_reflns.observed_criterion_sigma_F   ? 
_reflns.observed_criterion_sigma_I   ? 
_reflns.number_all                   ? 
_reflns.pdbx_Rsym_value              4.6 
_reflns.B_iso_Wilson_estimate        ? 
_reflns.pdbx_redundancy              ? 
_reflns.R_free_details               ? 
_reflns.limit_h_max                  ? 
_reflns.limit_h_min                  ? 
_reflns.limit_k_max                  ? 
_reflns.limit_k_min                  ? 
_reflns.limit_l_max                  ? 
_reflns.limit_l_min                  ? 
_reflns.observed_criterion_F_max     ? 
_reflns.observed_criterion_F_min     ? 
_reflns.pdbx_scaling_rejects         ? 
_reflns.pdbx_diffrn_id               1 
_reflns.pdbx_ordinal                 1 
# 
_reflns_shell.d_res_high             2.00 
_reflns_shell.d_res_low              2.07 
_reflns_shell.number_measured_obs    ? 
_reflns_shell.number_measured_all    ? 
_reflns_shell.number_unique_obs      ? 
_reflns_shell.Rmerge_I_obs           0.079 
_reflns_shell.meanI_over_sigI_obs    15.0 
_reflns_shell.pdbx_Rsym_value        7.9 
_reflns_shell.pdbx_chi_squared       1.050 
_reflns_shell.pdbx_redundancy        ? 
_reflns_shell.percent_possible_obs   ? 
_reflns_shell.number_unique_all      810 
_reflns_shell.percent_possible_all   99.90 
_reflns_shell.pdbx_diffrn_id         ? 
_reflns_shell.pdbx_ordinal           1 
# 
_refine.entry_id                                 2QK0 
_refine.ls_d_res_high                            2.000 
_refine.ls_d_res_low                             32.88 
_refine.pdbx_ls_sigma_F                          0.00 
_refine.ls_percent_reflns_obs                    98.800 
_refine.ls_number_reflns_obs                     7778 
_refine.ls_R_factor_R_work                       0.173 
_refine.ls_R_factor_R_free                       0.233 
_refine.ls_percent_reflns_R_free                 10.300 
_refine.ls_number_reflns_R_free                  814 
_refine.B_iso_mean                               11.085 
_refine.solvent_model_param_bsol                 51.033 
_refine.aniso_B[1][1]                            1.007 
_refine.aniso_B[2][2]                            -0.460 
_refine.aniso_B[3][3]                            -0.548 
_refine.aniso_B[1][2]                            0.000 
_refine.aniso_B[1][3]                            0.000 
_refine.aniso_B[2][3]                            0.000 
_refine.pdbx_method_to_determine_struct          MAD 
_refine.pdbx_ls_sigma_I                          ? 
_refine.ls_number_reflns_all                     ? 
_refine.ls_R_factor_all                          ? 
_refine.ls_R_factor_obs                          ? 
_refine.ls_redundancy_reflns_obs                 ? 
_refine.pdbx_data_cutoff_high_absF               ? 
_refine.pdbx_data_cutoff_low_absF                ? 
_refine.ls_number_parameters                     ? 
_refine.ls_number_restraints                     ? 
_refine.ls_R_factor_R_free_error                 ? 
_refine.ls_R_factor_R_free_error_details         ? 
_refine.pdbx_starting_model                      ? 
_refine.pdbx_ls_cross_valid_method               THROUGHOUT 
_refine.pdbx_R_Free_selection_details            'Random 10%' 
_refine.pdbx_stereochem_target_val_spec_case     ? 
_refine.pdbx_stereochemistry_target_values       ? 
_refine.solvent_model_details                    ? 
_refine.solvent_model_param_ksol                 ? 
_refine.occupancy_max                            ? 
_refine.occupancy_min                            ? 
_refine.pdbx_isotropic_thermal_model             ? 
_refine.details                                  ? 
_refine.B_iso_min                                ? 
_refine.B_iso_max                                ? 
_refine.correlation_coeff_Fo_to_Fc               ? 
_refine.correlation_coeff_Fo_to_Fc_free          ? 
_refine.pdbx_solvent_vdw_probe_radii             ? 
_refine.pdbx_solvent_ion_probe_radii             ? 
_refine.pdbx_solvent_shrinkage_radii             ? 
_refine.overall_SU_R_Cruickshank_DPI             ? 
_refine.overall_SU_R_free                        ? 
_refine.overall_SU_ML                            ? 
_refine.overall_SU_B                             ? 
_refine.pdbx_overall_ESU_R_Free                  ? 
_refine.pdbx_data_cutoff_high_rms_absF           ? 
_refine.pdbx_overall_ESU_R                       ? 
_refine.ls_wR_factor_R_free                      ? 
_refine.ls_wR_factor_R_work                      ? 
_refine.overall_FOM_free_R_set                   ? 
_refine.overall_FOM_work_R_set                   ? 
_refine.pdbx_refine_id                           'X-RAY DIFFRACTION' 
_refine.pdbx_diffrn_id                           1 
_refine.pdbx_TLS_residual_ADP_flag               ? 
_refine.pdbx_overall_phase_error                 ? 
_refine.pdbx_overall_SU_R_free_Cruickshank_DPI   ? 
_refine.pdbx_overall_SU_R_Blow_DPI               ? 
_refine.pdbx_overall_SU_R_free_Blow_DPI          ? 
# 
_refine_hist.pdbx_refine_id                   'X-RAY DIFFRACTION' 
_refine_hist.cycle_id                         LAST 
_refine_hist.pdbx_number_atoms_protein        572 
_refine_hist.pdbx_number_atoms_nucleic_acid   0 
_refine_hist.pdbx_number_atoms_ligand         0 
_refine_hist.number_atoms_solvent             66 
_refine_hist.number_atoms_total               638 
_refine_hist.d_res_high                       2.000 
_refine_hist.d_res_low                        32.88 
# 
loop_
_refine_ls_restr.type 
_refine_ls_restr.number 
_refine_ls_restr.dev_ideal 
_refine_ls_restr.dev_ideal_target 
_refine_ls_restr.weight 
_refine_ls_restr.pdbx_refine_id 
_refine_ls_restr.pdbx_restraint_function 
c_mcbond_it  ? 1.204 1.500 ? 'X-RAY DIFFRACTION' ? 
c_scbond_it  ? 2.276 2.000 ? 'X-RAY DIFFRACTION' ? 
c_mcangle_it ? 1.637 2.000 ? 'X-RAY DIFFRACTION' ? 
c_scangle_it ? 3.325 2.500 ? 'X-RAY DIFFRACTION' ? 
# 
_refine_ls_shell.d_res_high                       2.00 
_refine_ls_shell.d_res_low                        2.07 
_refine_ls_shell.number_reflns_obs                793 
_refine_ls_shell.number_reflns_R_free             92 
_refine_ls_shell.R_factor_R_work                  0.162 
_refine_ls_shell.R_factor_R_free                  0.213 
_refine_ls_shell.R_factor_R_free_error            ? 
_refine_ls_shell.percent_reflns_obs               98 
_refine_ls_shell.percent_reflns_R_free            ? 
_refine_ls_shell.pdbx_total_number_of_bins_used   ? 
_refine_ls_shell.number_reflns_R_work             ? 
_refine_ls_shell.redundancy_reflns_obs            ? 
_refine_ls_shell.number_reflns_all                ? 
_refine_ls_shell.R_factor_all                     ? 
_refine_ls_shell.pdbx_refine_id                   'X-RAY DIFFRACTION' 
# 
loop_
_pdbx_xplor_file.serial_no 
_pdbx_xplor_file.param_file 
_pdbx_xplor_file.topol_file 
_pdbx_xplor_file.pdbx_refine_id 
1 protein_rep.param ? 'X-RAY DIFFRACTION' 
2 water_rep.param   ? 'X-RAY DIFFRACTION' 
# 
_struct.entry_id                  2QK0 
_struct.title                     'Structural Basis of Microtubule Plus End Tracking by XMAP215, CLIP-170 and EB1' 
_struct.pdbx_model_details        ? 
_struct.pdbx_CASP_flag            ? 
_struct.pdbx_model_type_details   ? 
# 
_struct_keywords.entry_id        2QK0 
_struct_keywords.pdbx_keywords   'PROTEIN BINDING' 
_struct_keywords.text            'CLIP-170, Cap-Gly domain, microtubule plus end, +TIP, PROTEIN BINDING' 
# 
loop_
_struct_asym.id 
_struct_asym.pdbx_blank_PDB_chainid_flag 
_struct_asym.pdbx_modified 
_struct_asym.entity_id 
_struct_asym.details 
A N N 1 ? 
B N N 2 ? 
# 
_struct_ref.id                         1 
_struct_ref.db_name                    UNP 
_struct_ref.db_code                    CLIP1_HUMAN 
_struct_ref.pdbx_db_accession          P30622 
_struct_ref.entity_id                  1 
_struct_ref.pdbx_seq_one_letter_code   DFRVGERVWVNGNKPGFIQFLGETQFAPGQWAGIVLDEPIGKNDGSVAGVRYFQCEPLKGIFTRPSKLTRKV 
_struct_ref.pdbx_align_begin           57 
_struct_ref.pdbx_db_isoform            ? 
# 
_struct_ref_seq.align_id                      1 
_struct_ref_seq.ref_id                        1 
_struct_ref_seq.pdbx_PDB_id_code              2QK0 
_struct_ref_seq.pdbx_strand_id                A 
_struct_ref_seq.seq_align_beg                 3 
_struct_ref_seq.pdbx_seq_align_beg_ins_code   ? 
_struct_ref_seq.seq_align_end                 74 
_struct_ref_seq.pdbx_seq_align_end_ins_code   ? 
_struct_ref_seq.pdbx_db_accession             P30622 
_struct_ref_seq.db_align_beg                  57 
_struct_ref_seq.pdbx_db_align_beg_ins_code    ? 
_struct_ref_seq.db_align_end                  128 
_struct_ref_seq.pdbx_db_align_end_ins_code    ? 
_struct_ref_seq.pdbx_auth_seq_align_beg       30 
_struct_ref_seq.pdbx_auth_seq_align_end       101 
# 
loop_
_struct_ref_seq_dif.align_id 
_struct_ref_seq_dif.pdbx_pdb_id_code 
_struct_ref_seq_dif.mon_id 
_struct_ref_seq_dif.pdbx_pdb_strand_id 
_struct_ref_seq_dif.seq_num 
_struct_ref_seq_dif.pdbx_pdb_ins_code 
_struct_ref_seq_dif.pdbx_seq_db_name 
_struct_ref_seq_dif.pdbx_seq_db_accession_code 
_struct_ref_seq_dif.db_mon_id 
_struct_ref_seq_dif.pdbx_seq_db_seq_num 
_struct_ref_seq_dif.details 
_struct_ref_seq_dif.pdbx_auth_seq_num 
_struct_ref_seq_dif.pdbx_ordinal 
1 2QK0 GLY A 1  ? UNP P30622 ?   ?   'expression tag'      28 1 
1 2QK0 SER A 2  ? UNP P30622 ?   ?   'expression tag'      29 2 
1 2QK0 MSE A 70 ? UNP P30622 LEU 124 'engineered mutation' 97 3 
# 
_pdbx_struct_assembly.id                   1 
_pdbx_struct_assembly.details              author_defined_assembly 
_pdbx_struct_assembly.method_details       ? 
_pdbx_struct_assembly.oligomeric_details   monomeric 
_pdbx_struct_assembly.oligomeric_count     1 
# 
_pdbx_struct_assembly_gen.assembly_id       1 
_pdbx_struct_assembly_gen.oper_expression   1 
_pdbx_struct_assembly_gen.asym_id_list      A,B 
# 
_pdbx_struct_oper_list.id                   1 
_pdbx_struct_oper_list.type                 'identity operation' 
_pdbx_struct_oper_list.name                 1_555 
_pdbx_struct_oper_list.symmetry_operation   x,y,z 
_pdbx_struct_oper_list.matrix[1][1]         1.0000000000 
_pdbx_struct_oper_list.matrix[1][2]         0.0000000000 
_pdbx_struct_oper_list.matrix[1][3]         0.0000000000 
_pdbx_struct_oper_list.vector[1]            0.0000000000 
_pdbx_struct_oper_list.matrix[2][1]         0.0000000000 
_pdbx_struct_oper_list.matrix[2][2]         1.0000000000 
_pdbx_struct_oper_list.matrix[2][3]         0.0000000000 
_pdbx_struct_oper_list.vector[2]            0.0000000000 
_pdbx_struct_oper_list.matrix[3][1]         0.0000000000 
_pdbx_struct_oper_list.matrix[3][2]         0.0000000000 
_pdbx_struct_oper_list.matrix[3][3]         1.0000000000 
_pdbx_struct_oper_list.vector[3]            0.0000000000 
# 
_struct_biol.id        1 
_struct_biol.details   
;CLIP-170 is a homodimer formed via a large central coiled coil region not included in this construct.  This construct embodies only Cap-Gly domain 1.
;
# 
_struct_conf.conf_type_id            HELX_P 
_struct_conf.id                      HELX_P1 
_struct_conf.pdbx_PDB_helix_id       1 
_struct_conf.beg_label_comp_id       ARG 
_struct_conf.beg_label_asym_id       A 
_struct_conf.beg_label_seq_id        66 
_struct_conf.pdbx_beg_PDB_ins_code   ? 
_struct_conf.end_label_comp_id       SER 
_struct_conf.end_label_asym_id       A 
_struct_conf.end_label_seq_id        68 
_struct_conf.pdbx_end_PDB_ins_code   ? 
_struct_conf.beg_auth_comp_id        ARG 
_struct_conf.beg_auth_asym_id        A 
_struct_conf.beg_auth_seq_id         93 
_struct_conf.end_auth_comp_id        SER 
_struct_conf.end_auth_asym_id        A 
_struct_conf.end_auth_seq_id         95 
_struct_conf.pdbx_PDB_helix_class    5 
_struct_conf.details                 ? 
_struct_conf.pdbx_PDB_helix_length   3 
# 
_struct_conf_type.id          HELX_P 
_struct_conf_type.criteria    ? 
_struct_conf_type.reference   ? 
# 
loop_
_struct_conn.id 
_struct_conn.conn_type_id 
_struct_conn.pdbx_leaving_atom_flag 
_struct_conn.pdbx_PDB_id 
_struct_conn.ptnr1_label_asym_id 
_struct_conn.ptnr1_label_comp_id 
_struct_conn.ptnr1_label_seq_id 
_struct_conn.ptnr1_label_atom_id 
_struct_conn.pdbx_ptnr1_label_alt_id 
_struct_conn.pdbx_ptnr1_PDB_ins_code 
_struct_conn.pdbx_ptnr1_standard_comp_id 
_struct_conn.ptnr1_symmetry 
_struct_conn.ptnr2_label_asym_id 
_struct_conn.ptnr2_label_comp_id 
_struct_conn.ptnr2_label_seq_id 
_struct_conn.ptnr2_label_atom_id 
_struct_conn.pdbx_ptnr2_label_alt_id 
_struct_conn.pdbx_ptnr2_PDB_ins_code 
_struct_conn.ptnr1_auth_asym_id 
_struct_conn.ptnr1_auth_comp_id 
_struct_conn.ptnr1_auth_seq_id 
_struct_conn.ptnr2_auth_asym_id 
_struct_conn.ptnr2_auth_comp_id 
_struct_conn.ptnr2_auth_seq_id 
_struct_conn.ptnr2_symmetry 
_struct_conn.pdbx_ptnr3_label_atom_id 
_struct_conn.pdbx_ptnr3_label_seq_id 
_struct_conn.pdbx_ptnr3_label_comp_id 
_struct_conn.pdbx_ptnr3_label_asym_id 
_struct_conn.pdbx_ptnr3_label_alt_id 
_struct_conn.pdbx_ptnr3_PDB_ins_code 
_struct_conn.details 
_struct_conn.pdbx_dist_value 
_struct_conn.pdbx_value_order 
_struct_conn.pdbx_role 
covale1 covale both ? A LYS 69 C ? ? ? 1_555 A MSE 70 N ? ? A LYS 96 A MSE 97 1_555 ? ? ? ? ? ? ? 1.329 ? ? 
covale2 covale both ? A MSE 70 C ? ? ? 1_555 A THR 71 N ? ? A MSE 97 A THR 98 1_555 ? ? ? ? ? ? ? 1.327 ? ? 
# 
_struct_conn_type.id          covale 
_struct_conn_type.criteria    ? 
_struct_conn_type.reference   ? 
# 
_pdbx_modification_feature.ordinal                            1 
_pdbx_modification_feature.label_comp_id                      MSE 
_pdbx_modification_feature.label_asym_id                      A 
_pdbx_modification_feature.label_seq_id                       70 
_pdbx_modification_feature.label_alt_id                       ? 
_pdbx_modification_feature.modified_residue_label_comp_id     . 
_pdbx_modification_feature.modified_residue_label_asym_id     . 
_pdbx_modification_feature.modified_residue_label_seq_id      . 
_pdbx_modification_feature.modified_residue_label_alt_id      . 
_pdbx_modification_feature.auth_comp_id                       MSE 
_pdbx_modification_feature.auth_asym_id                       A 
_pdbx_modification_feature.auth_seq_id                        97 
_pdbx_modification_feature.PDB_ins_code                       ? 
_pdbx_modification_feature.symmetry                           1_555 
_pdbx_modification_feature.modified_residue_auth_comp_id      . 
_pdbx_modification_feature.modified_residue_auth_asym_id      . 
_pdbx_modification_feature.modified_residue_auth_seq_id       . 
_pdbx_modification_feature.modified_residue_PDB_ins_code      . 
_pdbx_modification_feature.modified_residue_symmetry          . 
_pdbx_modification_feature.comp_id_linking_atom               . 
_pdbx_modification_feature.modified_residue_id_linking_atom   . 
_pdbx_modification_feature.modified_residue_id                MET 
_pdbx_modification_feature.ref_pcm_id                         1 
_pdbx_modification_feature.ref_comp_id                        MSE 
_pdbx_modification_feature.type                               Selenomethionine 
_pdbx_modification_feature.category                           'Named protein modification' 
# 
loop_
_struct_sheet.id 
_struct_sheet.type 
_struct_sheet.number_strands 
_struct_sheet.details 
A ? 5 ? 
B ? 2 ? 
# 
loop_
_struct_sheet_order.sheet_id 
_struct_sheet_order.range_id_1 
_struct_sheet_order.range_id_2 
_struct_sheet_order.offset 
_struct_sheet_order.sense 
A 1 2 ? anti-parallel 
A 2 3 ? anti-parallel 
A 3 4 ? anti-parallel 
A 4 5 ? anti-parallel 
B 1 2 ? anti-parallel 
# 
loop_
_struct_sheet_range.sheet_id 
_struct_sheet_range.id 
_struct_sheet_range.beg_label_comp_id 
_struct_sheet_range.beg_label_asym_id 
_struct_sheet_range.beg_label_seq_id 
_struct_sheet_range.pdbx_beg_PDB_ins_code 
_struct_sheet_range.end_label_comp_id 
_struct_sheet_range.end_label_asym_id 
_struct_sheet_range.end_label_seq_id 
_struct_sheet_range.pdbx_end_PDB_ins_code 
_struct_sheet_range.beg_auth_comp_id 
_struct_sheet_range.beg_auth_asym_id 
_struct_sheet_range.beg_auth_seq_id 
_struct_sheet_range.end_auth_comp_id 
_struct_sheet_range.end_auth_asym_id 
_struct_sheet_range.end_auth_seq_id 
A 1 GLY A 62 ? THR A 65 ? GLY A 89 THR A 92 
A 2 TRP A 33 ? LEU A 38 ? TRP A 60 LEU A 65 
A 3 LYS A 16 ? GLY A 24 ? LYS A 43 GLY A 51 
A 4 ARG A 9  ? VAL A 12 ? ARG A 36 VAL A 39 
A 5 MSE A 70 ? THR A 71 ? MSE A 97 THR A 98 
B 1 SER A 48 ? VAL A 49 ? SER A 75 VAL A 76 
B 2 VAL A 52 ? ARG A 53 ? VAL A 79 ARG A 80 
# 
loop_
_pdbx_struct_sheet_hbond.sheet_id 
_pdbx_struct_sheet_hbond.range_id_1 
_pdbx_struct_sheet_hbond.range_id_2 
_pdbx_struct_sheet_hbond.range_1_label_atom_id 
_pdbx_struct_sheet_hbond.range_1_label_comp_id 
_pdbx_struct_sheet_hbond.range_1_label_asym_id 
_pdbx_struct_sheet_hbond.range_1_label_seq_id 
_pdbx_struct_sheet_hbond.range_1_PDB_ins_code 
_pdbx_struct_sheet_hbond.range_1_auth_atom_id 
_pdbx_struct_sheet_hbond.range_1_auth_comp_id 
_pdbx_struct_sheet_hbond.range_1_auth_asym_id 
_pdbx_struct_sheet_hbond.range_1_auth_seq_id 
_pdbx_struct_sheet_hbond.range_2_label_atom_id 
_pdbx_struct_sheet_hbond.range_2_label_comp_id 
_pdbx_struct_sheet_hbond.range_2_label_asym_id 
_pdbx_struct_sheet_hbond.range_2_label_seq_id 
_pdbx_struct_sheet_hbond.range_2_PDB_ins_code 
_pdbx_struct_sheet_hbond.range_2_auth_atom_id 
_pdbx_struct_sheet_hbond.range_2_auth_comp_id 
_pdbx_struct_sheet_hbond.range_2_auth_asym_id 
_pdbx_struct_sheet_hbond.range_2_auth_seq_id 
A 1 2 O ILE A 63 ? O ILE A 90 N ILE A 36 ? N ILE A 63 
A 2 3 O GLY A 35 ? O GLY A 62 N GLN A 21 ? N GLN A 48 
A 3 4 O GLY A 18 ? O GLY A 45 N VAL A 10 ? N VAL A 37 
A 4 5 N TRP A 11 ? N TRP A 38 O THR A 71 ? O THR A 98 
B 1 2 N VAL A 49 ? N VAL A 76 O VAL A 52 ? O VAL A 79 
# 
_pdbx_entry_details.entry_id                   2QK0 
_pdbx_entry_details.compound_details           ? 
_pdbx_entry_details.source_details             ? 
_pdbx_entry_details.nonpolymer_details         ? 
_pdbx_entry_details.sequence_details           ? 
_pdbx_entry_details.has_ligand_of_interest     ? 
_pdbx_entry_details.has_protein_modification   Y 
# 
_pdbx_struct_mod_residue.id               1 
_pdbx_struct_mod_residue.label_asym_id    A 
_pdbx_struct_mod_residue.label_comp_id    MSE 
_pdbx_struct_mod_residue.label_seq_id     70 
_pdbx_struct_mod_residue.auth_asym_id     A 
_pdbx_struct_mod_residue.auth_comp_id     MSE 
_pdbx_struct_mod_residue.auth_seq_id      97 
_pdbx_struct_mod_residue.PDB_ins_code     ? 
_pdbx_struct_mod_residue.parent_comp_id   MET 
_pdbx_struct_mod_residue.details          SELENOMETHIONINE 
# 
loop_
_diffrn_reflns.diffrn_id 
_diffrn_reflns.pdbx_d_res_high 
_diffrn_reflns.pdbx_d_res_low 
_diffrn_reflns.pdbx_number_obs 
_diffrn_reflns.pdbx_Rmerge_I_obs 
_diffrn_reflns.pdbx_Rsym_value 
_diffrn_reflns.pdbx_chi_squared 
_diffrn_reflns.av_sigmaI_over_netI 
_diffrn_reflns.pdbx_redundancy 
_diffrn_reflns.pdbx_percent_possible_obs 
_diffrn_reflns.number 
_diffrn_reflns.pdbx_observed_criterion 
_diffrn_reflns.limit_h_max 
_diffrn_reflns.limit_h_min 
_diffrn_reflns.limit_k_max 
_diffrn_reflns.limit_k_min 
_diffrn_reflns.limit_l_max 
_diffrn_reflns.limit_l_min 
1 2.000 50.000 7899 0.048 ? 1.00 27.60 ? 99.70 32008 ? ? ? ? ? ? ? 
2 2.000 50.000 7855 0.046 ? 1.00 37.60 ? 99.40 28877 ? ? ? ? ? ? ? 
# 
loop_
_pdbx_diffrn_reflns_shell.diffrn_id 
_pdbx_diffrn_reflns_shell.d_res_high 
_pdbx_diffrn_reflns_shell.d_res_low 
_pdbx_diffrn_reflns_shell.number_obs 
_pdbx_diffrn_reflns_shell.rejects 
_pdbx_diffrn_reflns_shell.Rmerge_I_obs 
_pdbx_diffrn_reflns_shell.Rsym_value 
_pdbx_diffrn_reflns_shell.chi_squared 
_pdbx_diffrn_reflns_shell.redundancy 
_pdbx_diffrn_reflns_shell.percent_possible_obs 
1 4.31 50.00 ? ? 0.028 ? 0.964 ? 98.90  
1 3.42 4.31  ? ? 0.034 ? 1.008 ? 99.60  
1 2.99 3.42  ? ? 0.044 ? 0.964 ? 100.00 
1 2.71 2.99  ? ? 0.057 ? 0.955 ? 100.00 
1 2.52 2.71  ? ? 0.064 ? 1.004 ? 100.00 
1 2.37 2.52  ? ? 0.067 ? 1.046 ? 99.90  
1 2.25 2.37  ? ? 0.064 ? 1.004 ? 99.70  
1 2.15 2.25  ? ? 0.075 ? 0.987 ? 100.00 
1 2.07 2.15  ? ? 0.077 ? 0.990 ? 98.90  
1 2.00 2.07  ? ? 0.092 ? 1.026 ? 100.00 
2 4.31 50.00 ? ? 0.030 ? 0.976 ? 99.50  
2 3.42 4.31  ? ? 0.036 ? 1.016 ? 98.70  
2 2.99 3.42  ? ? 0.043 ? 0.956 ? 99.70  
2 2.71 2.99  ? ? 0.053 ? 0.999 ? 99.60  
2 2.52 2.71  ? ? 0.055 ? 0.994 ? 99.90  
2 2.37 2.52  ? ? 0.057 ? 0.983 ? 99.10  
2 2.25 2.37  ? ? 0.058 ? 1.022 ? 99.20  
2 2.15 2.25  ? ? 0.064 ? 1.018 ? 99.70  
2 2.07 2.15  ? ? 0.071 ? 1.024 ? 98.50  
2 2.00 2.07  ? ? 0.079 ? 1.050 ? 99.90  
# 
_pdbx_phasing_dm_shell.d_res_high          2.000 
_pdbx_phasing_dm_shell.d_res_low           500.010 
_pdbx_phasing_dm_shell.delta_phi_final     0.213 
_pdbx_phasing_dm_shell.delta_phi_initial   ? 
_pdbx_phasing_dm_shell.fom_acentric        ? 
_pdbx_phasing_dm_shell.fom_centric         ? 
_pdbx_phasing_dm_shell.fom                 0.229 
_pdbx_phasing_dm_shell.reflns_acentric     ? 
_pdbx_phasing_dm_shell.reflns_centric      ? 
_pdbx_phasing_dm_shell.reflns              7778 
# 
_phasing.method   MAD 
# 
_pdbx_unobs_or_zero_occ_residues.id               1 
_pdbx_unobs_or_zero_occ_residues.PDB_model_num    1 
_pdbx_unobs_or_zero_occ_residues.polymer_flag     Y 
_pdbx_unobs_or_zero_occ_residues.occupancy_flag   1 
_pdbx_unobs_or_zero_occ_residues.auth_asym_id     A 
_pdbx_unobs_or_zero_occ_residues.auth_comp_id     VAL 
_pdbx_unobs_or_zero_occ_residues.auth_seq_id      101 
_pdbx_unobs_or_zero_occ_residues.PDB_ins_code     ? 
_pdbx_unobs_or_zero_occ_residues.label_asym_id    A 
_pdbx_unobs_or_zero_occ_residues.label_comp_id    VAL 
_pdbx_unobs_or_zero_occ_residues.label_seq_id     74 
# 
loop_
_chem_comp_atom.comp_id 
_chem_comp_atom.atom_id 
_chem_comp_atom.type_symbol 
_chem_comp_atom.pdbx_aromatic_flag 
_chem_comp_atom.pdbx_stereo_config 
_chem_comp_atom.pdbx_ordinal 
ALA N    N  N N 1   
ALA CA   C  N S 2   
ALA C    C  N N 3   
ALA O    O  N N 4   
ALA CB   C  N N 5   
ALA OXT  O  N N 6   
ALA H    H  N N 7   
ALA H2   H  N N 8   
ALA HA   H  N N 9   
ALA HB1  H  N N 10  
ALA HB2  H  N N 11  
ALA HB3  H  N N 12  
ALA HXT  H  N N 13  
ARG N    N  N N 14  
ARG CA   C  N S 15  
ARG C    C  N N 16  
ARG O    O  N N 17  
ARG CB   C  N N 18  
ARG CG   C  N N 19  
ARG CD   C  N N 20  
ARG NE   N  N N 21  
ARG CZ   C  N N 22  
ARG NH1  N  N N 23  
ARG NH2  N  N N 24  
ARG OXT  O  N N 25  
ARG H    H  N N 26  
ARG H2   H  N N 27  
ARG HA   H  N N 28  
ARG HB2  H  N N 29  
ARG HB3  H  N N 30  
ARG HG2  H  N N 31  
ARG HG3  H  N N 32  
ARG HD2  H  N N 33  
ARG HD3  H  N N 34  
ARG HE   H  N N 35  
ARG HH11 H  N N 36  
ARG HH12 H  N N 37  
ARG HH21 H  N N 38  
ARG HH22 H  N N 39  
ARG HXT  H  N N 40  
ASN N    N  N N 41  
ASN CA   C  N S 42  
ASN C    C  N N 43  
ASN O    O  N N 44  
ASN CB   C  N N 45  
ASN CG   C  N N 46  
ASN OD1  O  N N 47  
ASN ND2  N  N N 48  
ASN OXT  O  N N 49  
ASN H    H  N N 50  
ASN H2   H  N N 51  
ASN HA   H  N N 52  
ASN HB2  H  N N 53  
ASN HB3  H  N N 54  
ASN HD21 H  N N 55  
ASN HD22 H  N N 56  
ASN HXT  H  N N 57  
ASP N    N  N N 58  
ASP CA   C  N S 59  
ASP C    C  N N 60  
ASP O    O  N N 61  
ASP CB   C  N N 62  
ASP CG   C  N N 63  
ASP OD1  O  N N 64  
ASP OD2  O  N N 65  
ASP OXT  O  N N 66  
ASP H    H  N N 67  
ASP H2   H  N N 68  
ASP HA   H  N N 69  
ASP HB2  H  N N 70  
ASP HB3  H  N N 71  
ASP HD2  H  N N 72  
ASP HXT  H  N N 73  
CYS N    N  N N 74  
CYS CA   C  N R 75  
CYS C    C  N N 76  
CYS O    O  N N 77  
CYS CB   C  N N 78  
CYS SG   S  N N 79  
CYS OXT  O  N N 80  
CYS H    H  N N 81  
CYS H2   H  N N 82  
CYS HA   H  N N 83  
CYS HB2  H  N N 84  
CYS HB3  H  N N 85  
CYS HG   H  N N 86  
CYS HXT  H  N N 87  
GLN N    N  N N 88  
GLN CA   C  N S 89  
GLN C    C  N N 90  
GLN O    O  N N 91  
GLN CB   C  N N 92  
GLN CG   C  N N 93  
GLN CD   C  N N 94  
GLN OE1  O  N N 95  
GLN NE2  N  N N 96  
GLN OXT  O  N N 97  
GLN H    H  N N 98  
GLN H2   H  N N 99  
GLN HA   H  N N 100 
GLN HB2  H  N N 101 
GLN HB3  H  N N 102 
GLN HG2  H  N N 103 
GLN HG3  H  N N 104 
GLN HE21 H  N N 105 
GLN HE22 H  N N 106 
GLN HXT  H  N N 107 
GLU N    N  N N 108 
GLU CA   C  N S 109 
GLU C    C  N N 110 
GLU O    O  N N 111 
GLU CB   C  N N 112 
GLU CG   C  N N 113 
GLU CD   C  N N 114 
GLU OE1  O  N N 115 
GLU OE2  O  N N 116 
GLU OXT  O  N N 117 
GLU H    H  N N 118 
GLU H2   H  N N 119 
GLU HA   H  N N 120 
GLU HB2  H  N N 121 
GLU HB3  H  N N 122 
GLU HG2  H  N N 123 
GLU HG3  H  N N 124 
GLU HE2  H  N N 125 
GLU HXT  H  N N 126 
GLY N    N  N N 127 
GLY CA   C  N N 128 
GLY C    C  N N 129 
GLY O    O  N N 130 
GLY OXT  O  N N 131 
GLY H    H  N N 132 
GLY H2   H  N N 133 
GLY HA2  H  N N 134 
GLY HA3  H  N N 135 
GLY HXT  H  N N 136 
HOH O    O  N N 137 
HOH H1   H  N N 138 
HOH H2   H  N N 139 
ILE N    N  N N 140 
ILE CA   C  N S 141 
ILE C    C  N N 142 
ILE O    O  N N 143 
ILE CB   C  N S 144 
ILE CG1  C  N N 145 
ILE CG2  C  N N 146 
ILE CD1  C  N N 147 
ILE OXT  O  N N 148 
ILE H    H  N N 149 
ILE H2   H  N N 150 
ILE HA   H  N N 151 
ILE HB   H  N N 152 
ILE HG12 H  N N 153 
ILE HG13 H  N N 154 
ILE HG21 H  N N 155 
ILE HG22 H  N N 156 
ILE HG23 H  N N 157 
ILE HD11 H  N N 158 
ILE HD12 H  N N 159 
ILE HD13 H  N N 160 
ILE HXT  H  N N 161 
LEU N    N  N N 162 
LEU CA   C  N S 163 
LEU C    C  N N 164 
LEU O    O  N N 165 
LEU CB   C  N N 166 
LEU CG   C  N N 167 
LEU CD1  C  N N 168 
LEU CD2  C  N N 169 
LEU OXT  O  N N 170 
LEU H    H  N N 171 
LEU H2   H  N N 172 
LEU HA   H  N N 173 
LEU HB2  H  N N 174 
LEU HB3  H  N N 175 
LEU HG   H  N N 176 
LEU HD11 H  N N 177 
LEU HD12 H  N N 178 
LEU HD13 H  N N 179 
LEU HD21 H  N N 180 
LEU HD22 H  N N 181 
LEU HD23 H  N N 182 
LEU HXT  H  N N 183 
LYS N    N  N N 184 
LYS CA   C  N S 185 
LYS C    C  N N 186 
LYS O    O  N N 187 
LYS CB   C  N N 188 
LYS CG   C  N N 189 
LYS CD   C  N N 190 
LYS CE   C  N N 191 
LYS NZ   N  N N 192 
LYS OXT  O  N N 193 
LYS H    H  N N 194 
LYS H2   H  N N 195 
LYS HA   H  N N 196 
LYS HB2  H  N N 197 
LYS HB3  H  N N 198 
LYS HG2  H  N N 199 
LYS HG3  H  N N 200 
LYS HD2  H  N N 201 
LYS HD3  H  N N 202 
LYS HE2  H  N N 203 
LYS HE3  H  N N 204 
LYS HZ1  H  N N 205 
LYS HZ2  H  N N 206 
LYS HZ3  H  N N 207 
LYS HXT  H  N N 208 
MSE N    N  N N 209 
MSE CA   C  N S 210 
MSE C    C  N N 211 
MSE O    O  N N 212 
MSE OXT  O  N N 213 
MSE CB   C  N N 214 
MSE CG   C  N N 215 
MSE SE   SE N N 216 
MSE CE   C  N N 217 
MSE H    H  N N 218 
MSE H2   H  N N 219 
MSE HA   H  N N 220 
MSE HXT  H  N N 221 
MSE HB2  H  N N 222 
MSE HB3  H  N N 223 
MSE HG2  H  N N 224 
MSE HG3  H  N N 225 
MSE HE1  H  N N 226 
MSE HE2  H  N N 227 
MSE HE3  H  N N 228 
PHE N    N  N N 229 
PHE CA   C  N S 230 
PHE C    C  N N 231 
PHE O    O  N N 232 
PHE CB   C  N N 233 
PHE CG   C  Y N 234 
PHE CD1  C  Y N 235 
PHE CD2  C  Y N 236 
PHE CE1  C  Y N 237 
PHE CE2  C  Y N 238 
PHE CZ   C  Y N 239 
PHE OXT  O  N N 240 
PHE H    H  N N 241 
PHE H2   H  N N 242 
PHE HA   H  N N 243 
PHE HB2  H  N N 244 
PHE HB3  H  N N 245 
PHE HD1  H  N N 246 
PHE HD2  H  N N 247 
PHE HE1  H  N N 248 
PHE HE2  H  N N 249 
PHE HZ   H  N N 250 
PHE HXT  H  N N 251 
PRO N    N  N N 252 
PRO CA   C  N S 253 
PRO C    C  N N 254 
PRO O    O  N N 255 
PRO CB   C  N N 256 
PRO CG   C  N N 257 
PRO CD   C  N N 258 
PRO OXT  O  N N 259 
PRO H    H  N N 260 
PRO HA   H  N N 261 
PRO HB2  H  N N 262 
PRO HB3  H  N N 263 
PRO HG2  H  N N 264 
PRO HG3  H  N N 265 
PRO HD2  H  N N 266 
PRO HD3  H  N N 267 
PRO HXT  H  N N 268 
SER N    N  N N 269 
SER CA   C  N S 270 
SER C    C  N N 271 
SER O    O  N N 272 
SER CB   C  N N 273 
SER OG   O  N N 274 
SER OXT  O  N N 275 
SER H    H  N N 276 
SER H2   H  N N 277 
SER HA   H  N N 278 
SER HB2  H  N N 279 
SER HB3  H  N N 280 
SER HG   H  N N 281 
SER HXT  H  N N 282 
THR N    N  N N 283 
THR CA   C  N S 284 
THR C    C  N N 285 
THR O    O  N N 286 
THR CB   C  N R 287 
THR OG1  O  N N 288 
THR CG2  C  N N 289 
THR OXT  O  N N 290 
THR H    H  N N 291 
THR H2   H  N N 292 
THR HA   H  N N 293 
THR HB   H  N N 294 
THR HG1  H  N N 295 
THR HG21 H  N N 296 
THR HG22 H  N N 297 
THR HG23 H  N N 298 
THR HXT  H  N N 299 
TRP N    N  N N 300 
TRP CA   C  N S 301 
TRP C    C  N N 302 
TRP O    O  N N 303 
TRP CB   C  N N 304 
TRP CG   C  Y N 305 
TRP CD1  C  Y N 306 
TRP CD2  C  Y N 307 
TRP NE1  N  Y N 308 
TRP CE2  C  Y N 309 
TRP CE3  C  Y N 310 
TRP CZ2  C  Y N 311 
TRP CZ3  C  Y N 312 
TRP CH2  C  Y N 313 
TRP OXT  O  N N 314 
TRP H    H  N N 315 
TRP H2   H  N N 316 
TRP HA   H  N N 317 
TRP HB2  H  N N 318 
TRP HB3  H  N N 319 
TRP HD1  H  N N 320 
TRP HE1  H  N N 321 
TRP HE3  H  N N 322 
TRP HZ2  H  N N 323 
TRP HZ3  H  N N 324 
TRP HH2  H  N N 325 
TRP HXT  H  N N 326 
TYR N    N  N N 327 
TYR CA   C  N S 328 
TYR C    C  N N 329 
TYR O    O  N N 330 
TYR CB   C  N N 331 
TYR CG   C  Y N 332 
TYR CD1  C  Y N 333 
TYR CD2  C  Y N 334 
TYR CE1  C  Y N 335 
TYR CE2  C  Y N 336 
TYR CZ   C  Y N 337 
TYR OH   O  N N 338 
TYR OXT  O  N N 339 
TYR H    H  N N 340 
TYR H2   H  N N 341 
TYR HA   H  N N 342 
TYR HB2  H  N N 343 
TYR HB3  H  N N 344 
TYR HD1  H  N N 345 
TYR HD2  H  N N 346 
TYR HE1  H  N N 347 
TYR HE2  H  N N 348 
TYR HH   H  N N 349 
TYR HXT  H  N N 350 
VAL N    N  N N 351 
VAL CA   C  N S 352 
VAL C    C  N N 353 
VAL O    O  N N 354 
VAL CB   C  N N 355 
VAL CG1  C  N N 356 
VAL CG2  C  N N 357 
VAL OXT  O  N N 358 
VAL H    H  N N 359 
VAL H2   H  N N 360 
VAL HA   H  N N 361 
VAL HB   H  N N 362 
VAL HG11 H  N N 363 
VAL HG12 H  N N 364 
VAL HG13 H  N N 365 
VAL HG21 H  N N 366 
VAL HG22 H  N N 367 
VAL HG23 H  N N 368 
VAL HXT  H  N N 369 
# 
loop_
_chem_comp_bond.comp_id 
_chem_comp_bond.atom_id_1 
_chem_comp_bond.atom_id_2 
_chem_comp_bond.value_order 
_chem_comp_bond.pdbx_aromatic_flag 
_chem_comp_bond.pdbx_stereo_config 
_chem_comp_bond.pdbx_ordinal 
ALA N   CA   sing N N 1   
ALA N   H    sing N N 2   
ALA N   H2   sing N N 3   
ALA CA  C    sing N N 4   
ALA CA  CB   sing N N 5   
ALA CA  HA   sing N N 6   
ALA C   O    doub N N 7   
ALA C   OXT  sing N N 8   
ALA CB  HB1  sing N N 9   
ALA CB  HB2  sing N N 10  
ALA CB  HB3  sing N N 11  
ALA OXT HXT  sing N N 12  
ARG N   CA   sing N N 13  
ARG N   H    sing N N 14  
ARG N   H2   sing N N 15  
ARG CA  C    sing N N 16  
ARG CA  CB   sing N N 17  
ARG CA  HA   sing N N 18  
ARG C   O    doub N N 19  
ARG C   OXT  sing N N 20  
ARG CB  CG   sing N N 21  
ARG CB  HB2  sing N N 22  
ARG CB  HB3  sing N N 23  
ARG CG  CD   sing N N 24  
ARG CG  HG2  sing N N 25  
ARG CG  HG3  sing N N 26  
ARG CD  NE   sing N N 27  
ARG CD  HD2  sing N N 28  
ARG CD  HD3  sing N N 29  
ARG NE  CZ   sing N N 30  
ARG NE  HE   sing N N 31  
ARG CZ  NH1  sing N N 32  
ARG CZ  NH2  doub N N 33  
ARG NH1 HH11 sing N N 34  
ARG NH1 HH12 sing N N 35  
ARG NH2 HH21 sing N N 36  
ARG NH2 HH22 sing N N 37  
ARG OXT HXT  sing N N 38  
ASN N   CA   sing N N 39  
ASN N   H    sing N N 40  
ASN N   H2   sing N N 41  
ASN CA  C    sing N N 42  
ASN CA  CB   sing N N 43  
ASN CA  HA   sing N N 44  
ASN C   O    doub N N 45  
ASN C   OXT  sing N N 46  
ASN CB  CG   sing N N 47  
ASN CB  HB2  sing N N 48  
ASN CB  HB3  sing N N 49  
ASN CG  OD1  doub N N 50  
ASN CG  ND2  sing N N 51  
ASN ND2 HD21 sing N N 52  
ASN ND2 HD22 sing N N 53  
ASN OXT HXT  sing N N 54  
ASP N   CA   sing N N 55  
ASP N   H    sing N N 56  
ASP N   H2   sing N N 57  
ASP CA  C    sing N N 58  
ASP CA  CB   sing N N 59  
ASP CA  HA   sing N N 60  
ASP C   O    doub N N 61  
ASP C   OXT  sing N N 62  
ASP CB  CG   sing N N 63  
ASP CB  HB2  sing N N 64  
ASP CB  HB3  sing N N 65  
ASP CG  OD1  doub N N 66  
ASP CG  OD2  sing N N 67  
ASP OD2 HD2  sing N N 68  
ASP OXT HXT  sing N N 69  
CYS N   CA   sing N N 70  
CYS N   H    sing N N 71  
CYS N   H2   sing N N 72  
CYS CA  C    sing N N 73  
CYS CA  CB   sing N N 74  
CYS CA  HA   sing N N 75  
CYS C   O    doub N N 76  
CYS C   OXT  sing N N 77  
CYS CB  SG   sing N N 78  
CYS CB  HB2  sing N N 79  
CYS CB  HB3  sing N N 80  
CYS SG  HG   sing N N 81  
CYS OXT HXT  sing N N 82  
GLN N   CA   sing N N 83  
GLN N   H    sing N N 84  
GLN N   H2   sing N N 85  
GLN CA  C    sing N N 86  
GLN CA  CB   sing N N 87  
GLN CA  HA   sing N N 88  
GLN C   O    doub N N 89  
GLN C   OXT  sing N N 90  
GLN CB  CG   sing N N 91  
GLN CB  HB2  sing N N 92  
GLN CB  HB3  sing N N 93  
GLN CG  CD   sing N N 94  
GLN CG  HG2  sing N N 95  
GLN CG  HG3  sing N N 96  
GLN CD  OE1  doub N N 97  
GLN CD  NE2  sing N N 98  
GLN NE2 HE21 sing N N 99  
GLN NE2 HE22 sing N N 100 
GLN OXT HXT  sing N N 101 
GLU N   CA   sing N N 102 
GLU N   H    sing N N 103 
GLU N   H2   sing N N 104 
GLU CA  C    sing N N 105 
GLU CA  CB   sing N N 106 
GLU CA  HA   sing N N 107 
GLU C   O    doub N N 108 
GLU C   OXT  sing N N 109 
GLU CB  CG   sing N N 110 
GLU CB  HB2  sing N N 111 
GLU CB  HB3  sing N N 112 
GLU CG  CD   sing N N 113 
GLU CG  HG2  sing N N 114 
GLU CG  HG3  sing N N 115 
GLU CD  OE1  doub N N 116 
GLU CD  OE2  sing N N 117 
GLU OE2 HE2  sing N N 118 
GLU OXT HXT  sing N N 119 
GLY N   CA   sing N N 120 
GLY N   H    sing N N 121 
GLY N   H2   sing N N 122 
GLY CA  C    sing N N 123 
GLY CA  HA2  sing N N 124 
GLY CA  HA3  sing N N 125 
GLY C   O    doub N N 126 
GLY C   OXT  sing N N 127 
GLY OXT HXT  sing N N 128 
HOH O   H1   sing N N 129 
HOH O   H2   sing N N 130 
ILE N   CA   sing N N 131 
ILE N   H    sing N N 132 
ILE N   H2   sing N N 133 
ILE CA  C    sing N N 134 
ILE CA  CB   sing N N 135 
ILE CA  HA   sing N N 136 
ILE C   O    doub N N 137 
ILE C   OXT  sing N N 138 
ILE CB  CG1  sing N N 139 
ILE CB  CG2  sing N N 140 
ILE CB  HB   sing N N 141 
ILE CG1 CD1  sing N N 142 
ILE CG1 HG12 sing N N 143 
ILE CG1 HG13 sing N N 144 
ILE CG2 HG21 sing N N 145 
ILE CG2 HG22 sing N N 146 
ILE CG2 HG23 sing N N 147 
ILE CD1 HD11 sing N N 148 
ILE CD1 HD12 sing N N 149 
ILE CD1 HD13 sing N N 150 
ILE OXT HXT  sing N N 151 
LEU N   CA   sing N N 152 
LEU N   H    sing N N 153 
LEU N   H2   sing N N 154 
LEU CA  C    sing N N 155 
LEU CA  CB   sing N N 156 
LEU CA  HA   sing N N 157 
LEU C   O    doub N N 158 
LEU C   OXT  sing N N 159 
LEU CB  CG   sing N N 160 
LEU CB  HB2  sing N N 161 
LEU CB  HB3  sing N N 162 
LEU CG  CD1  sing N N 163 
LEU CG  CD2  sing N N 164 
LEU CG  HG   sing N N 165 
LEU CD1 HD11 sing N N 166 
LEU CD1 HD12 sing N N 167 
LEU CD1 HD13 sing N N 168 
LEU CD2 HD21 sing N N 169 
LEU CD2 HD22 sing N N 170 
LEU CD2 HD23 sing N N 171 
LEU OXT HXT  sing N N 172 
LYS N   CA   sing N N 173 
LYS N   H    sing N N 174 
LYS N   H2   sing N N 175 
LYS CA  C    sing N N 176 
LYS CA  CB   sing N N 177 
LYS CA  HA   sing N N 178 
LYS C   O    doub N N 179 
LYS C   OXT  sing N N 180 
LYS CB  CG   sing N N 181 
LYS CB  HB2  sing N N 182 
LYS CB  HB3  sing N N 183 
LYS CG  CD   sing N N 184 
LYS CG  HG2  sing N N 185 
LYS CG  HG3  sing N N 186 
LYS CD  CE   sing N N 187 
LYS CD  HD2  sing N N 188 
LYS CD  HD3  sing N N 189 
LYS CE  NZ   sing N N 190 
LYS CE  HE2  sing N N 191 
LYS CE  HE3  sing N N 192 
LYS NZ  HZ1  sing N N 193 
LYS NZ  HZ2  sing N N 194 
LYS NZ  HZ3  sing N N 195 
LYS OXT HXT  sing N N 196 
MSE N   CA   sing N N 197 
MSE N   H    sing N N 198 
MSE N   H2   sing N N 199 
MSE CA  C    sing N N 200 
MSE CA  CB   sing N N 201 
MSE CA  HA   sing N N 202 
MSE C   O    doub N N 203 
MSE C   OXT  sing N N 204 
MSE OXT HXT  sing N N 205 
MSE CB  CG   sing N N 206 
MSE CB  HB2  sing N N 207 
MSE CB  HB3  sing N N 208 
MSE CG  SE   sing N N 209 
MSE CG  HG2  sing N N 210 
MSE CG  HG3  sing N N 211 
MSE SE  CE   sing N N 212 
MSE CE  HE1  sing N N 213 
MSE CE  HE2  sing N N 214 
MSE CE  HE3  sing N N 215 
PHE N   CA   sing N N 216 
PHE N   H    sing N N 217 
PHE N   H2   sing N N 218 
PHE CA  C    sing N N 219 
PHE CA  CB   sing N N 220 
PHE CA  HA   sing N N 221 
PHE C   O    doub N N 222 
PHE C   OXT  sing N N 223 
PHE CB  CG   sing N N 224 
PHE CB  HB2  sing N N 225 
PHE CB  HB3  sing N N 226 
PHE CG  CD1  doub Y N 227 
PHE CG  CD2  sing Y N 228 
PHE CD1 CE1  sing Y N 229 
PHE CD1 HD1  sing N N 230 
PHE CD2 CE2  doub Y N 231 
PHE CD2 HD2  sing N N 232 
PHE CE1 CZ   doub Y N 233 
PHE CE1 HE1  sing N N 234 
PHE CE2 CZ   sing Y N 235 
PHE CE2 HE2  sing N N 236 
PHE CZ  HZ   sing N N 237 
PHE OXT HXT  sing N N 238 
PRO N   CA   sing N N 239 
PRO N   CD   sing N N 240 
PRO N   H    sing N N 241 
PRO CA  C    sing N N 242 
PRO CA  CB   sing N N 243 
PRO CA  HA   sing N N 244 
PRO C   O    doub N N 245 
PRO C   OXT  sing N N 246 
PRO CB  CG   sing N N 247 
PRO CB  HB2  sing N N 248 
PRO CB  HB3  sing N N 249 
PRO CG  CD   sing N N 250 
PRO CG  HG2  sing N N 251 
PRO CG  HG3  sing N N 252 
PRO CD  HD2  sing N N 253 
PRO CD  HD3  sing N N 254 
PRO OXT HXT  sing N N 255 
SER N   CA   sing N N 256 
SER N   H    sing N N 257 
SER N   H2   sing N N 258 
SER CA  C    sing N N 259 
SER CA  CB   sing N N 260 
SER CA  HA   sing N N 261 
SER C   O    doub N N 262 
SER C   OXT  sing N N 263 
SER CB  OG   sing N N 264 
SER CB  HB2  sing N N 265 
SER CB  HB3  sing N N 266 
SER OG  HG   sing N N 267 
SER OXT HXT  sing N N 268 
THR N   CA   sing N N 269 
THR N   H    sing N N 270 
THR N   H2   sing N N 271 
THR CA  C    sing N N 272 
THR CA  CB   sing N N 273 
THR CA  HA   sing N N 274 
THR C   O    doub N N 275 
THR C   OXT  sing N N 276 
THR CB  OG1  sing N N 277 
THR CB  CG2  sing N N 278 
THR CB  HB   sing N N 279 
THR OG1 HG1  sing N N 280 
THR CG2 HG21 sing N N 281 
THR CG2 HG22 sing N N 282 
THR CG2 HG23 sing N N 283 
THR OXT HXT  sing N N 284 
TRP N   CA   sing N N 285 
TRP N   H    sing N N 286 
TRP N   H2   sing N N 287 
TRP CA  C    sing N N 288 
TRP CA  CB   sing N N 289 
TRP CA  HA   sing N N 290 
TRP C   O    doub N N 291 
TRP C   OXT  sing N N 292 
TRP CB  CG   sing N N 293 
TRP CB  HB2  sing N N 294 
TRP CB  HB3  sing N N 295 
TRP CG  CD1  doub Y N 296 
TRP CG  CD2  sing Y N 297 
TRP CD1 NE1  sing Y N 298 
TRP CD1 HD1  sing N N 299 
TRP CD2 CE2  doub Y N 300 
TRP CD2 CE3  sing Y N 301 
TRP NE1 CE2  sing Y N 302 
TRP NE1 HE1  sing N N 303 
TRP CE2 CZ2  sing Y N 304 
TRP CE3 CZ3  doub Y N 305 
TRP CE3 HE3  sing N N 306 
TRP CZ2 CH2  doub Y N 307 
TRP CZ2 HZ2  sing N N 308 
TRP CZ3 CH2  sing Y N 309 
TRP CZ3 HZ3  sing N N 310 
TRP CH2 HH2  sing N N 311 
TRP OXT HXT  sing N N 312 
TYR N   CA   sing N N 313 
TYR N   H    sing N N 314 
TYR N   H2   sing N N 315 
TYR CA  C    sing N N 316 
TYR CA  CB   sing N N 317 
TYR CA  HA   sing N N 318 
TYR C   O    doub N N 319 
TYR C   OXT  sing N N 320 
TYR CB  CG   sing N N 321 
TYR CB  HB2  sing N N 322 
TYR CB  HB3  sing N N 323 
TYR CG  CD1  doub Y N 324 
TYR CG  CD2  sing Y N 325 
TYR CD1 CE1  sing Y N 326 
TYR CD1 HD1  sing N N 327 
TYR CD2 CE2  doub Y N 328 
TYR CD2 HD2  sing N N 329 
TYR CE1 CZ   doub Y N 330 
TYR CE1 HE1  sing N N 331 
TYR CE2 CZ   sing Y N 332 
TYR CE2 HE2  sing N N 333 
TYR CZ  OH   sing N N 334 
TYR OH  HH   sing N N 335 
TYR OXT HXT  sing N N 336 
VAL N   CA   sing N N 337 
VAL N   H    sing N N 338 
VAL N   H2   sing N N 339 
VAL CA  C    sing N N 340 
VAL CA  CB   sing N N 341 
VAL CA  HA   sing N N 342 
VAL C   O    doub N N 343 
VAL C   OXT  sing N N 344 
VAL CB  CG1  sing N N 345 
VAL CB  CG2  sing N N 346 
VAL CB  HB   sing N N 347 
VAL CG1 HG11 sing N N 348 
VAL CG1 HG12 sing N N 349 
VAL CG1 HG13 sing N N 350 
VAL CG2 HG21 sing N N 351 
VAL CG2 HG22 sing N N 352 
VAL CG2 HG23 sing N N 353 
VAL OXT HXT  sing N N 354 
# 
_atom_sites.entry_id                    2QK0 
_atom_sites.fract_transf_matrix[1][1]   0.03156687 
_atom_sites.fract_transf_matrix[1][2]   -0.01764977 
_atom_sites.fract_transf_matrix[1][3]   0.00628452 
_atom_sites.fract_transf_matrix[2][1]   -0.00491982 
_atom_sites.fract_transf_matrix[2][2]   -0.01500227 
_atom_sites.fract_transf_matrix[2][3]   -0.01742109 
_atom_sites.fract_transf_matrix[3][1]   0.00898587 
_atom_sites.fract_transf_matrix[3][2]   0.01160831 
_atom_sites.fract_transf_matrix[3][3]   -0.01253423 
_atom_sites.fract_transf_vector[1]      0.191069 
_atom_sites.fract_transf_vector[2]      0.019622 
_atom_sites.fract_transf_vector[3]      0.029672 
# 
loop_
_atom_type.symbol 
C  
N  
O  
S  
SE 
# 
loop_
_atom_site.group_PDB 
_atom_site.id 
_atom_site.type_symbol 
_atom_site.label_atom_id 
_atom_site.label_alt_id 
_atom_site.label_comp_id 
_atom_site.label_asym_id 
_atom_site.label_entity_id 
_atom_site.label_seq_id 
_atom_site.pdbx_PDB_ins_code 
_atom_site.Cartn_x 
_atom_site.Cartn_y 
_atom_site.Cartn_z 
_atom_site.occupancy 
_atom_site.B_iso_or_equiv 
_atom_site.pdbx_formal_charge 
_atom_site.auth_seq_id 
_atom_site.auth_comp_id 
_atom_site.auth_asym_id 
_atom_site.auth_atom_id 
_atom_site.pdbx_PDB_model_num 
ATOM   1   N  N   . GLY A 1 1  ? 15.181  1.647   -11.178 1.00 18.35 ? 28  GLY A N   1 
ATOM   2   C  CA  . GLY A 1 1  ? 15.852  0.690   -12.105 1.00 17.43 ? 28  GLY A CA  1 
ATOM   3   C  C   . GLY A 1 1  ? 14.965  -0.486  -12.461 1.00 16.80 ? 28  GLY A C   1 
ATOM   4   O  O   . GLY A 1 1  ? 15.145  -1.118  -13.506 1.00 17.51 ? 28  GLY A O   1 
ATOM   5   N  N   . SER A 1 2  ? 14.008  -0.791  -11.590 1.00 15.31 ? 29  SER A N   1 
ATOM   6   C  CA  . SER A 1 2  ? 13.085  -1.897  -11.824 1.00 14.43 ? 29  SER A CA  1 
ATOM   7   C  C   . SER A 1 2  ? 11.737  -1.568  -11.191 1.00 12.47 ? 29  SER A C   1 
ATOM   8   O  O   . SER A 1 2  ? 11.675  -0.941  -10.135 1.00 9.71  ? 29  SER A O   1 
ATOM   9   C  CB  . SER A 1 2  ? 13.643  -3.188  -11.223 1.00 16.26 ? 29  SER A CB  1 
ATOM   10  O  OG  . SER A 1 2  ? 13.745  -3.085  -9.817  1.00 18.97 ? 29  SER A OG  1 
ATOM   11  N  N   . ASP A 1 3  ? 10.655  -1.993  -11.827 1.00 12.78 ? 30  ASP A N   1 
ATOM   12  C  CA  . ASP A 1 3  ? 9.332   -1.694  -11.290 1.00 12.71 ? 30  ASP A CA  1 
ATOM   13  C  C   . ASP A 1 3  ? 9.077   -2.382  -9.959  1.00 9.67  ? 30  ASP A C   1 
ATOM   14  O  O   . ASP A 1 3  ? 9.769   -3.334  -9.593  1.00 7.63  ? 30  ASP A O   1 
ATOM   15  C  CB  . ASP A 1 3  ? 8.250   -2.085  -12.293 1.00 17.62 ? 30  ASP A CB  1 
ATOM   16  C  CG  . ASP A 1 3  ? 7.014   -1.207  -12.180 1.00 22.45 ? 30  ASP A CG  1 
ATOM   17  O  OD1 . ASP A 1 3  ? 6.086   -1.379  -12.999 1.00 24.69 ? 30  ASP A OD1 1 
ATOM   18  O  OD2 . ASP A 1 3  ? 6.975   -0.342  -11.272 1.00 24.33 ? 30  ASP A OD2 1 
ATOM   19  N  N   . PHE A 1 4  ? 8.094   -1.877  -9.224  1.00 7.63  ? 31  PHE A N   1 
ATOM   20  C  CA  . PHE A 1 4  ? 7.737   -2.456  -7.940  1.00 7.31  ? 31  PHE A CA  1 
ATOM   21  C  C   . PHE A 1 4  ? 7.100   -3.813  -8.186  1.00 6.28  ? 31  PHE A C   1 
ATOM   22  O  O   . PHE A 1 4  ? 6.486   -4.040  -9.228  1.00 6.40  ? 31  PHE A O   1 
ATOM   23  C  CB  . PHE A 1 4  ? 6.740   -1.556  -7.197  1.00 7.48  ? 31  PHE A CB  1 
ATOM   24  C  CG  . PHE A 1 4  ? 7.362   -0.335  -6.576  1.00 7.82  ? 31  PHE A CG  1 
ATOM   25  C  CD1 . PHE A 1 4  ? 6.877   0.936   -6.873  1.00 9.40  ? 31  PHE A CD1 1 
ATOM   26  C  CD2 . PHE A 1 4  ? 8.413   -0.458  -5.673  1.00 6.54  ? 31  PHE A CD2 1 
ATOM   27  C  CE1 . PHE A 1 4  ? 7.431   2.072   -6.276  1.00 8.07  ? 31  PHE A CE1 1 
ATOM   28  C  CE2 . PHE A 1 4  ? 8.975   0.664   -5.072  1.00 7.52  ? 31  PHE A CE2 1 
ATOM   29  C  CZ  . PHE A 1 4  ? 8.480   1.938   -5.374  1.00 6.86  ? 31  PHE A CZ  1 
ATOM   30  N  N   . ARG A 1 5  ? 7.257   -4.717  -7.228  1.00 4.63  ? 32  ARG A N   1 
ATOM   31  C  CA  . ARG A 1 5  ? 6.679   -6.047  -7.337  1.00 5.11  ? 32  ARG A CA  1 
ATOM   32  C  C   . ARG A 1 5  ? 5.910   -6.352  -6.065  1.00 6.07  ? 32  ARG A C   1 
ATOM   33  O  O   . ARG A 1 5  ? 6.197   -5.793  -5.003  1.00 4.84  ? 32  ARG A O   1 
ATOM   34  C  CB  . ARG A 1 5  ? 7.770   -7.107  -7.515  1.00 4.97  ? 32  ARG A CB  1 
ATOM   35  C  CG  . ARG A 1 5  ? 8.615   -6.946  -8.768  1.00 8.33  ? 32  ARG A CG  1 
ATOM   36  C  CD  . ARG A 1 5  ? 9.653   -8.061  -8.877  1.00 8.43  ? 32  ARG A CD  1 
ATOM   37  N  NE  . ARG A 1 5  ? 10.518  -7.880  -10.040 1.00 8.99  ? 32  ARG A NE  1 
ATOM   38  C  CZ  . ARG A 1 5  ? 11.505  -8.706  -10.378 1.00 11.73 ? 32  ARG A CZ  1 
ATOM   39  N  NH1 . ARG A 1 5  ? 11.758  -9.780  -9.645  1.00 10.28 ? 32  ARG A NH1 1 
ATOM   40  N  NH2 . ARG A 1 5  ? 12.245  -8.453  -11.451 1.00 12.81 ? 32  ARG A NH2 1 
ATOM   41  N  N   . VAL A 1 6  ? 4.922   -7.232  -6.174  1.00 4.73  ? 33  VAL A N   1 
ATOM   42  C  CA  . VAL A 1 6  ? 4.147   -7.628  -5.009  1.00 5.87  ? 33  VAL A CA  1 
ATOM   43  C  C   . VAL A 1 6  ? 5.137   -8.338  -4.087  1.00 5.34  ? 33  VAL A C   1 
ATOM   44  O  O   . VAL A 1 6  ? 5.987   -9.101  -4.553  1.00 4.49  ? 33  VAL A O   1 
ATOM   45  C  CB  . VAL A 1 6  ? 3.021   -8.608  -5.400  1.00 5.81  ? 33  VAL A CB  1 
ATOM   46  C  CG1 . VAL A 1 6  ? 2.392   -9.215  -4.151  1.00 7.36  ? 33  VAL A CG1 1 
ATOM   47  C  CG2 . VAL A 1 6  ? 1.966   -7.875  -6.213  1.00 6.84  ? 33  VAL A CG2 1 
ATOM   48  N  N   . GLY A 1 7  ? 5.043   -8.065  -2.789  1.00 5.69  ? 34  GLY A N   1 
ATOM   49  C  CA  . GLY A 1 7  ? 5.937   -8.697  -1.836  1.00 5.62  ? 34  GLY A CA  1 
ATOM   50  C  C   . GLY A 1 7  ? 7.175   -7.885  -1.487  1.00 7.82  ? 34  GLY A C   1 
ATOM   51  O  O   . GLY A 1 7  ? 7.911   -8.239  -0.562  1.00 7.05  ? 34  GLY A O   1 
ATOM   52  N  N   . GLU A 1 8  ? 7.414   -6.796  -2.210  1.00 5.91  ? 35  GLU A N   1 
ATOM   53  C  CA  . GLU A 1 8  ? 8.588   -5.978  -1.936  1.00 8.73  ? 35  GLU A CA  1 
ATOM   54  C  C   . GLU A 1 8  ? 8.476   -5.104  -0.688  1.00 7.81  ? 35  GLU A C   1 
ATOM   55  O  O   . GLU A 1 8  ? 7.402   -4.616  -0.328  1.00 5.73  ? 35  GLU A O   1 
ATOM   56  C  CB  . GLU A 1 8  ? 8.946   -5.107  -3.151  1.00 11.36 ? 35  GLU A CB  1 
ATOM   57  C  CG  . GLU A 1 8  ? 9.685   -5.878  -4.250  1.00 16.76 ? 35  GLU A CG  1 
ATOM   58  C  CD  . GLU A 1 8  ? 10.141  -4.999  -5.412  1.00 21.21 ? 35  GLU A CD  1 
ATOM   59  O  OE1 . GLU A 1 8  ? 10.892  -5.504  -6.278  1.00 24.40 ? 35  GLU A OE1 1 
ATOM   60  O  OE2 . GLU A 1 8  ? 9.750   -3.815  -5.469  1.00 20.71 ? 35  GLU A OE2 1 
ATOM   61  N  N   . ARG A 1 9  ? 9.615   -4.941  -0.029  1.00 7.81  ? 36  ARG A N   1 
ATOM   62  C  CA  . ARG A 1 9  ? 9.736   -4.136  1.174   1.00 7.56  ? 36  ARG A CA  1 
ATOM   63  C  C   . ARG A 1 9  ? 9.851   -2.687  0.722   1.00 7.09  ? 36  ARG A C   1 
ATOM   64  O  O   . ARG A 1 9  ? 10.735  -2.354  -0.067  1.00 6.64  ? 36  ARG A O   1 
ATOM   65  C  CB  . ARG A 1 9  ? 11.006  -4.550  1.923   1.00 9.41  ? 36  ARG A CB  1 
ATOM   66  C  CG  . ARG A 1 9  ? 11.340  -3.734  3.158   1.00 13.67 ? 36  ARG A CG  1 
ATOM   67  C  CD  . ARG A 1 9  ? 10.329  -3.971  4.247   1.00 14.99 ? 36  ARG A CD  1 
ATOM   68  N  NE  . ARG A 1 9  ? 10.845  -3.622  5.567   1.00 16.26 ? 36  ARG A NE  1 
ATOM   69  C  CZ  . ARG A 1 9  ? 10.104  -3.632  6.668   1.00 15.22 ? 36  ARG A CZ  1 
ATOM   70  N  NH1 . ARG A 1 9  ? 8.824   -3.970  6.593   1.00 12.74 ? 36  ARG A NH1 1 
ATOM   71  N  NH2 . ARG A 1 9  ? 10.636  -3.305  7.838   1.00 14.88 ? 36  ARG A NH2 1 
ATOM   72  N  N   . VAL A 1 10 ? 8.958   -1.824  1.197   1.00 4.43  ? 37  VAL A N   1 
ATOM   73  C  CA  . VAL A 1 10 ? 9.029   -0.424  0.804   1.00 5.55  ? 37  VAL A CA  1 
ATOM   74  C  C   . VAL A 1 10 ? 8.930   0.510   1.993   1.00 6.47  ? 37  VAL A C   1 
ATOM   75  O  O   . VAL A 1 10 ? 8.514   0.115   3.084   1.00 5.93  ? 37  VAL A O   1 
ATOM   76  C  CB  . VAL A 1 10 ? 7.920   -0.038  -0.200  1.00 5.56  ? 37  VAL A CB  1 
ATOM   77  C  CG1 . VAL A 1 10 ? 8.170   -0.718  -1.543  1.00 7.64  ? 37  VAL A CG1 1 
ATOM   78  C  CG2 . VAL A 1 10 ? 6.561   -0.422  0.352   1.00 8.06  ? 37  VAL A CG2 1 
ATOM   79  N  N   . TRP A 1 11 ? 9.326   1.755   1.768   1.00 5.44  ? 38  TRP A N   1 
ATOM   80  C  CA  . TRP A 1 11 ? 9.279   2.770   2.804   1.00 7.04  ? 38  TRP A CA  1 
ATOM   81  C  C   . TRP A 1 11 ? 8.430   3.912   2.281   1.00 7.35  ? 38  TRP A C   1 
ATOM   82  O  O   . TRP A 1 11 ? 8.797   4.576   1.313   1.00 5.95  ? 38  TRP A O   1 
ATOM   83  C  CB  . TRP A 1 11 ? 10.699  3.240   3.134   1.00 7.29  ? 38  TRP A CB  1 
ATOM   84  C  CG  . TRP A 1 11 ? 11.548  2.096   3.588   1.00 8.26  ? 38  TRP A CG  1 
ATOM   85  C  CD1 . TRP A 1 11 ? 12.084  1.109   2.806   1.00 10.98 ? 38  TRP A CD1 1 
ATOM   86  C  CD2 . TRP A 1 11 ? 11.863  1.752   4.939   1.00 9.54  ? 38  TRP A CD2 1 
ATOM   87  N  NE1 . TRP A 1 11 ? 12.706  0.168   3.592   1.00 10.64 ? 38  TRP A NE1 1 
ATOM   88  C  CE2 . TRP A 1 11 ? 12.587  0.539   4.904   1.00 9.59  ? 38  TRP A CE2 1 
ATOM   89  C  CE3 . TRP A 1 11 ? 11.601  2.349   6.179   1.00 10.69 ? 38  TRP A CE3 1 
ATOM   90  C  CZ2 . TRP A 1 11 ? 13.053  -0.091  6.064   1.00 10.05 ? 38  TRP A CZ2 1 
ATOM   91  C  CZ3 . TRP A 1 11 ? 12.064  1.723   7.333   1.00 11.91 ? 38  TRP A CZ3 1 
ATOM   92  C  CH2 . TRP A 1 11 ? 12.782  0.515   7.265   1.00 11.88 ? 38  TRP A CH2 1 
ATOM   93  N  N   . VAL A 1 12 ? 7.275   4.113   2.908   1.00 6.08  ? 39  VAL A N   1 
ATOM   94  C  CA  . VAL A 1 12 ? 6.361   5.170   2.503   1.00 6.78  ? 39  VAL A CA  1 
ATOM   95  C  C   . VAL A 1 12 ? 6.860   6.489   3.074   1.00 8.91  ? 39  VAL A C   1 
ATOM   96  O  O   . VAL A 1 12 ? 7.565   6.499   4.083   1.00 9.09  ? 39  VAL A O   1 
ATOM   97  C  CB  . VAL A 1 12 ? 4.935   4.887   3.021   1.00 8.33  ? 39  VAL A CB  1 
ATOM   98  C  CG1 . VAL A 1 12 ? 3.977   5.962   2.528   1.00 8.97  ? 39  VAL A CG1 1 
ATOM   99  C  CG2 . VAL A 1 12 ? 4.479   3.514   2.550   1.00 10.56 ? 39  VAL A CG2 1 
ATOM   100 N  N   . ASN A 1 13 ? 6.506   7.595   2.425   1.00 10.20 ? 40  ASN A N   1 
ATOM   101 C  CA  . ASN A 1 13 ? 6.939   8.912   2.883   1.00 11.90 ? 40  ASN A CA  1 
ATOM   102 C  C   . ASN A 1 13 ? 6.864   9.023   4.399   1.00 13.10 ? 40  ASN A C   1 
ATOM   103 O  O   . ASN A 1 13 ? 5.827   8.742   5.007   1.00 12.47 ? 40  ASN A O   1 
ATOM   104 C  CB  . ASN A 1 13 ? 6.105   10.013  2.219   1.00 14.23 ? 40  ASN A CB  1 
ATOM   105 C  CG  . ASN A 1 13 ? 6.588   10.334  0.809   1.00 17.29 ? 40  ASN A CG  1 
ATOM   106 O  OD1 . ASN A 1 13 ? 6.026   11.191  0.122   1.00 17.41 ? 40  ASN A OD1 1 
ATOM   107 N  ND2 . ASN A 1 13 ? 7.641   9.645   0.375   1.00 15.97 ? 40  ASN A ND2 1 
ATOM   108 N  N   . GLY A 1 14 ? 7.980   9.426   5.001   1.00 11.20 ? 41  GLY A N   1 
ATOM   109 C  CA  . GLY A 1 14 ? 8.055   9.538   6.447   1.00 11.20 ? 41  GLY A CA  1 
ATOM   110 C  C   . GLY A 1 14 ? 8.873   8.368   6.966   1.00 10.98 ? 41  GLY A C   1 
ATOM   111 O  O   . GLY A 1 14 ? 9.102   8.221   8.167   1.00 10.90 ? 41  GLY A O   1 
ATOM   112 N  N   . ASN A 1 15 ? 9.319   7.534   6.032   1.00 9.88  ? 42  ASN A N   1 
ATOM   113 C  CA  . ASN A 1 15 ? 10.118  6.351   6.332   1.00 10.99 ? 42  ASN A CA  1 
ATOM   114 C  C   . ASN A 1 15 ? 9.333   5.323   7.153   1.00 11.32 ? 42  ASN A C   1 
ATOM   115 O  O   . ASN A 1 15 ? 9.829   4.791   8.150   1.00 11.83 ? 42  ASN A O   1 
ATOM   116 C  CB  . ASN A 1 15 ? 11.412  6.749   7.058   1.00 10.12 ? 42  ASN A CB  1 
ATOM   117 C  CG  . ASN A 1 15 ? 12.589  5.857   6.683   1.00 12.07 ? 42  ASN A CG  1 
ATOM   118 O  OD1 . ASN A 1 15 ? 12.883  5.669   5.501   1.00 11.65 ? 42  ASN A OD1 1 
ATOM   119 N  ND2 . ASN A 1 15 ? 13.271  5.309   7.687   1.00 10.19 ? 42  ASN A ND2 1 
ATOM   120 N  N   . LYS A 1 16 ? 8.101   5.055   6.722   1.00 10.41 ? 43  LYS A N   1 
ATOM   121 C  CA  . LYS A 1 16 ? 7.237   4.076   7.376   1.00 8.69  ? 43  LYS A CA  1 
ATOM   122 C  C   . LYS A 1 16 ? 7.384   2.788   6.565   1.00 7.93  ? 43  LYS A C   1 
ATOM   123 O  O   . LYS A 1 16 ? 6.953   2.729   5.413   1.00 7.24  ? 43  LYS A O   1 
ATOM   124 C  CB  . LYS A 1 16 ? 5.777   4.530   7.326   1.00 11.49 ? 43  LYS A CB  1 
ATOM   125 C  CG  . LYS A 1 16 ? 5.545   6.005   7.619   1.00 16.35 ? 43  LYS A CG  1 
ATOM   126 C  CD  . LYS A 1 16 ? 5.836   6.365   9.063   1.00 20.00 ? 43  LYS A CD  1 
ATOM   127 C  CE  . LYS A 1 16 ? 5.287   7.759   9.370   1.00 23.16 ? 43  LYS A CE  1 
ATOM   128 N  NZ  . LYS A 1 16 ? 5.359   8.093   10.814  1.00 25.85 ? 43  LYS A NZ  1 
ATOM   129 N  N   . PRO A 1 17 ? 7.981   1.740   7.156   1.00 5.23  ? 44  PRO A N   1 
ATOM   130 C  CA  . PRO A 1 17 ? 8.167   0.473   6.440   1.00 5.43  ? 44  PRO A CA  1 
ATOM   131 C  C   . PRO A 1 17 ? 6.916   -0.378  6.271   1.00 4.64  ? 44  PRO A C   1 
ATOM   132 O  O   . PRO A 1 17 ? 6.052   -0.407  7.144   1.00 2.86  ? 44  PRO A O   1 
ATOM   133 C  CB  . PRO A 1 17 ? 9.233   -0.237  7.275   1.00 4.14  ? 44  PRO A CB  1 
ATOM   134 C  CG  . PRO A 1 17 ? 8.895   0.208   8.667   1.00 4.34  ? 44  PRO A CG  1 
ATOM   135 C  CD  . PRO A 1 17 ? 8.624   1.692   8.482   1.00 6.41  ? 44  PRO A CD  1 
ATOM   136 N  N   . GLY A 1 18 ? 6.847   -1.078  5.138   1.00 4.75  ? 45  GLY A N   1 
ATOM   137 C  CA  . GLY A 1 18 ? 5.731   -1.955  4.846   1.00 4.03  ? 45  GLY A CA  1 
ATOM   138 C  C   . GLY A 1 18 ? 6.076   -2.876  3.689   1.00 5.13  ? 45  GLY A C   1 
ATOM   139 O  O   . GLY A 1 18 ? 7.200   -2.842  3.180   1.00 4.34  ? 45  GLY A O   1 
ATOM   140 N  N   . PHE A 1 19 ? 5.119   -3.708  3.283   1.00 4.27  ? 46  PHE A N   1 
ATOM   141 C  CA  . PHE A 1 19 ? 5.301   -4.633  2.164   1.00 4.91  ? 46  PHE A CA  1 
ATOM   142 C  C   . PHE A 1 19 ? 4.156   -4.446  1.180   1.00 4.51  ? 46  PHE A C   1 
ATOM   143 O  O   . PHE A 1 19 ? 3.002   -4.330  1.584   1.00 4.56  ? 46  PHE A O   1 
ATOM   144 C  CB  . PHE A 1 19 ? 5.293   -6.091  2.630   1.00 5.66  ? 46  PHE A CB  1 
ATOM   145 C  CG  . PHE A 1 19 ? 6.543   -6.514  3.340   1.00 7.93  ? 46  PHE A CG  1 
ATOM   146 C  CD1 . PHE A 1 19 ? 6.634   -6.434  4.726   1.00 8.09  ? 46  PHE A CD1 1 
ATOM   147 C  CD2 . PHE A 1 19 ? 7.631   -7.001  2.622   1.00 6.97  ? 46  PHE A CD2 1 
ATOM   148 C  CE1 . PHE A 1 19 ? 7.793   -6.833  5.386   1.00 7.03  ? 46  PHE A CE1 1 
ATOM   149 C  CE2 . PHE A 1 19 ? 8.795   -7.404  3.272   1.00 8.42  ? 46  PHE A CE2 1 
ATOM   150 C  CZ  . PHE A 1 19 ? 8.875   -7.320  4.658   1.00 6.90  ? 46  PHE A CZ  1 
ATOM   151 N  N   . ILE A 1 20 ? 4.476   -4.437  -0.110  1.00 4.78  ? 47  ILE A N   1 
ATOM   152 C  CA  . ILE A 1 20 ? 3.468   -4.271  -1.152  1.00 3.88  ? 47  ILE A CA  1 
ATOM   153 C  C   . ILE A 1 20 ? 2.553   -5.493  -1.226  1.00 5.66  ? 47  ILE A C   1 
ATOM   154 O  O   . ILE A 1 20 ? 3.022   -6.624  -1.367  1.00 4.35  ? 47  ILE A O   1 
ATOM   155 C  CB  . ILE A 1 20 ? 4.126   -4.066  -2.534  1.00 4.07  ? 47  ILE A CB  1 
ATOM   156 C  CG1 . ILE A 1 20 ? 5.049   -2.845  -2.492  1.00 4.67  ? 47  ILE A CG1 1 
ATOM   157 C  CG2 . ILE A 1 20 ? 3.055   -3.880  -3.602  1.00 3.53  ? 47  ILE A CG2 1 
ATOM   158 C  CD1 . ILE A 1 20 ? 5.834   -2.616  -3.789  1.00 3.31  ? 47  ILE A CD1 1 
ATOM   159 N  N   . GLN A 1 21 ? 1.248   -5.249  -1.151  1.00 4.63  ? 48  GLN A N   1 
ATOM   160 C  CA  . GLN A 1 21 ? 0.255   -6.316  -1.209  1.00 6.25  ? 48  GLN A CA  1 
ATOM   161 C  C   . GLN A 1 21 ? -0.649  -6.156  -2.424  1.00 5.87  ? 48  GLN A C   1 
ATOM   162 O  O   . GLN A 1 21 ? -1.386  -7.073  -2.786  1.00 5.63  ? 48  GLN A O   1 
ATOM   163 C  CB  . GLN A 1 21 ? -0.611  -6.296  0.053   1.00 7.14  ? 48  GLN A CB  1 
ATOM   164 C  CG  . GLN A 1 21 ? 0.130   -6.645  1.330   1.00 13.14 ? 48  GLN A CG  1 
ATOM   165 C  CD  . GLN A 1 21 ? 0.646   -8.067  1.330   1.00 14.87 ? 48  GLN A CD  1 
ATOM   166 O  OE1 . GLN A 1 21 ? 1.679   -8.369  0.732   1.00 21.71 ? 48  GLN A OE1 1 
ATOM   167 N  NE2 . GLN A 1 21 ? -0.083  -8.957  1.991   1.00 16.11 ? 48  GLN A NE2 1 
ATOM   168 N  N   . PHE A 1 22 ? -0.594  -4.984  -3.044  1.00 4.63  ? 49  PHE A N   1 
ATOM   169 C  CA  . PHE A 1 22 ? -1.424  -4.697  -4.205  1.00 3.88  ? 49  PHE A CA  1 
ATOM   170 C  C   . PHE A 1 22 ? -0.794  -3.613  -5.065  1.00 3.72  ? 49  PHE A C   1 
ATOM   171 O  O   . PHE A 1 22 ? -0.191  -2.671  -4.545  1.00 2.20  ? 49  PHE A O   1 
ATOM   172 C  CB  . PHE A 1 22 ? -2.810  -4.230  -3.745  1.00 3.37  ? 49  PHE A CB  1 
ATOM   173 C  CG  . PHE A 1 22 ? -3.723  -3.826  -4.871  1.00 2.73  ? 49  PHE A CG  1 
ATOM   174 C  CD1 . PHE A 1 22 ? -4.530  -4.764  -5.503  1.00 2.44  ? 49  PHE A CD1 1 
ATOM   175 C  CD2 . PHE A 1 22 ? -3.757  -2.508  -5.313  1.00 4.25  ? 49  PHE A CD2 1 
ATOM   176 C  CE1 . PHE A 1 22 ? -5.360  -4.399  -6.563  1.00 4.52  ? 49  PHE A CE1 1 
ATOM   177 C  CE2 . PHE A 1 22 ? -4.582  -2.129  -6.376  1.00 4.57  ? 49  PHE A CE2 1 
ATOM   178 C  CZ  . PHE A 1 22 ? -5.385  -3.076  -7.001  1.00 2.35  ? 49  PHE A CZ  1 
ATOM   179 N  N   . LEU A 1 23 ? -0.941  -3.753  -6.380  1.00 3.19  ? 50  LEU A N   1 
ATOM   180 C  CA  . LEU A 1 23 ? -0.432  -2.776  -7.336  1.00 3.47  ? 50  LEU A CA  1 
ATOM   181 C  C   . LEU A 1 23 ? -1.400  -2.663  -8.497  1.00 4.50  ? 50  LEU A C   1 
ATOM   182 O  O   . LEU A 1 23 ? -1.786  -3.675  -9.085  1.00 4.47  ? 50  LEU A O   1 
ATOM   183 C  CB  . LEU A 1 23 ? 0.929   -3.204  -7.885  1.00 5.39  ? 50  LEU A CB  1 
ATOM   184 C  CG  . LEU A 1 23 ? 2.121   -3.133  -6.941  1.00 5.90  ? 50  LEU A CG  1 
ATOM   185 C  CD1 . LEU A 1 23 ? 3.341   -3.762  -7.605  1.00 5.34  ? 50  LEU A CD1 1 
ATOM   186 C  CD2 . LEU A 1 23 ? 2.380   -1.681  -6.588  1.00 7.34  ? 50  LEU A CD2 1 
ATOM   187 N  N   . GLY A 1 24 ? -1.789  -1.439  -8.833  1.00 3.40  ? 51  GLY A N   1 
ATOM   188 C  CA  . GLY A 1 24 ? -2.695  -1.259  -9.949  1.00 6.03  ? 51  GLY A CA  1 
ATOM   189 C  C   . GLY A 1 24 ? -3.759  -0.201  -9.752  1.00 6.47  ? 51  GLY A C   1 
ATOM   190 O  O   . GLY A 1 24 ? -3.674  0.632   -8.846  1.00 5.59  ? 51  GLY A O   1 
ATOM   191 N  N   . GLU A 1 25 ? -4.761  -0.230  -10.623 1.00 5.70  ? 52  GLU A N   1 
ATOM   192 C  CA  . GLU A 1 25 ? -5.858  0.721   -10.548 1.00 7.69  ? 52  GLU A CA  1 
ATOM   193 C  C   . GLU A 1 25 ? -6.862  0.271   -9.498  1.00 7.83  ? 52  GLU A C   1 
ATOM   194 O  O   . GLU A 1 25 ? -6.962  -0.917  -9.187  1.00 7.41  ? 52  GLU A O   1 
ATOM   195 C  CB  . GLU A 1 25 ? -6.550  0.840   -11.904 1.00 9.73  ? 52  GLU A CB  1 
ATOM   196 C  CG  . GLU A 1 25 ? -5.686  1.481   -12.976 1.00 14.20 ? 52  GLU A CG  1 
ATOM   197 C  CD  . GLU A 1 25 ? -6.427  1.661   -14.285 1.00 18.41 ? 52  GLU A CD  1 
ATOM   198 O  OE1 . GLU A 1 25 ? -6.745  0.645   -14.938 1.00 19.90 ? 52  GLU A OE1 1 
ATOM   199 O  OE2 . GLU A 1 25 ? -6.697  2.819   -14.658 1.00 22.95 ? 52  GLU A OE2 1 
ATOM   200 N  N   . THR A 1 26 ? -7.601  1.228   -8.951  1.00 7.66  ? 53  THR A N   1 
ATOM   201 C  CA  . THR A 1 26 ? -8.600  0.924   -7.938  1.00 7.32  ? 53  THR A CA  1 
ATOM   202 C  C   . THR A 1 26 ? -9.891  1.640   -8.301  1.00 8.01  ? 53  THR A C   1 
ATOM   203 O  O   . THR A 1 26 ? -9.914  2.454   -9.222  1.00 8.33  ? 53  THR A O   1 
ATOM   204 C  CB  . THR A 1 26 ? -8.159  1.408   -6.545  1.00 7.73  ? 53  THR A CB  1 
ATOM   205 O  OG1 . THR A 1 26 ? -8.092  2.841   -6.540  1.00 7.66  ? 53  THR A OG1 1 
ATOM   206 C  CG2 . THR A 1 26 ? -6.788  0.841   -6.187  1.00 6.89  ? 53  THR A CG2 1 
ATOM   207 N  N   . GLN A 1 27 ? -10.958 1.345   -7.570  1.00 8.76  ? 54  GLN A N   1 
ATOM   208 C  CA  . GLN A 1 27 ? -12.248 1.977   -7.831  1.00 10.97 ? 54  GLN A CA  1 
ATOM   209 C  C   . GLN A 1 27 ? -12.397 3.338   -7.173  1.00 9.50  ? 54  GLN A C   1 
ATOM   210 O  O   . GLN A 1 27 ? -13.145 4.184   -7.659  1.00 8.42  ? 54  GLN A O   1 
ATOM   211 C  CB  . GLN A 1 27 ? -13.389 1.091   -7.337  1.00 10.46 ? 54  GLN A CB  1 
ATOM   212 C  CG  . GLN A 1 27 ? -13.476 -0.238  -8.019  1.00 13.02 ? 54  GLN A CG  1 
ATOM   213 C  CD  . GLN A 1 27 ? -14.719 -1.001  -7.627  1.00 9.82  ? 54  GLN A CD  1 
ATOM   214 O  OE1 . GLN A 1 27 ? -14.839 -2.180  -7.921  1.00 12.88 ? 54  GLN A OE1 1 
ATOM   215 N  NE2 . GLN A 1 27 ? -15.653 -0.326  -6.965  1.00 11.15 ? 54  GLN A NE2 1 
ATOM   216 N  N   . PHE A 1 28 ? -11.688 3.555   -6.070  1.00 8.65  ? 55  PHE A N   1 
ATOM   217 C  CA  . PHE A 1 28 ? -11.812 4.814   -5.350  1.00 8.78  ? 55  PHE A CA  1 
ATOM   218 C  C   . PHE A 1 28 ? -11.116 6.029   -5.960  1.00 8.85  ? 55  PHE A C   1 
ATOM   219 O  O   . PHE A 1 28 ? -11.441 7.160   -5.606  1.00 9.94  ? 55  PHE A O   1 
ATOM   220 C  CB  . PHE A 1 28 ? -11.374 4.629   -3.891  1.00 8.66  ? 55  PHE A CB  1 
ATOM   221 C  CG  . PHE A 1 28 ? -9.938  4.224   -3.725  1.00 8.31  ? 55  PHE A CG  1 
ATOM   222 C  CD1 . PHE A 1 28 ? -8.915  5.153   -3.889  1.00 7.00  ? 55  PHE A CD1 1 
ATOM   223 C  CD2 . PHE A 1 28 ? -9.608  2.915   -3.394  1.00 6.60  ? 55  PHE A CD2 1 
ATOM   224 C  CE1 . PHE A 1 28 ? -7.582  4.783   -3.723  1.00 6.43  ? 55  PHE A CE1 1 
ATOM   225 C  CE2 . PHE A 1 28 ? -8.281  2.536   -3.226  1.00 7.92  ? 55  PHE A CE2 1 
ATOM   226 C  CZ  . PHE A 1 28 ? -7.265  3.476   -3.390  1.00 7.99  ? 55  PHE A CZ  1 
ATOM   227 N  N   . ALA A 1 29 ? -10.175 5.807   -6.873  1.00 8.38  ? 56  ALA A N   1 
ATOM   228 C  CA  . ALA A 1 29 ? -9.466  6.918   -7.508  1.00 9.41  ? 56  ALA A CA  1 
ATOM   229 C  C   . ALA A 1 29 ? -8.736  6.486   -8.779  1.00 10.43 ? 56  ALA A C   1 
ATOM   230 O  O   . ALA A 1 29 ? -8.402  5.313   -8.949  1.00 12.58 ? 56  ALA A O   1 
ATOM   231 C  CB  . ALA A 1 29 ? -8.477  7.536   -6.523  1.00 10.60 ? 56  ALA A CB  1 
ATOM   232 N  N   . PRO A 1 30 ? -8.479  7.435   -9.695  1.00 10.39 ? 57  PRO A N   1 
ATOM   233 C  CA  . PRO A 1 30 ? -7.787  7.154   -10.958 1.00 10.02 ? 57  PRO A CA  1 
ATOM   234 C  C   . PRO A 1 30 ? -6.293  6.920   -10.756 1.00 9.33  ? 57  PRO A C   1 
ATOM   235 O  O   . PRO A 1 30 ? -5.753  7.188   -9.686  1.00 8.42  ? 57  PRO A O   1 
ATOM   236 C  CB  . PRO A 1 30 ? -8.031  8.420   -11.788 1.00 11.66 ? 57  PRO A CB  1 
ATOM   237 C  CG  . PRO A 1 30 ? -9.191  9.102   -11.104 1.00 12.79 ? 57  PRO A CG  1 
ATOM   238 C  CD  . PRO A 1 30 ? -8.933  8.833   -9.656  1.00 11.63 ? 57  PRO A CD  1 
ATOM   239 N  N   . GLY A 1 31 ? -5.634  6.431   -11.800 1.00 10.07 ? 58  GLY A N   1 
ATOM   240 C  CA  . GLY A 1 31 ? -4.202  6.201   -11.739 1.00 9.22  ? 58  GLY A CA  1 
ATOM   241 C  C   . GLY A 1 31 ? -3.754  4.930   -11.048 1.00 9.10  ? 58  GLY A C   1 
ATOM   242 O  O   . GLY A 1 31 ? -4.563  4.078   -10.675 1.00 7.39  ? 58  GLY A O   1 
ATOM   243 N  N   . GLN A 1 32 ? -2.443  4.812   -10.879 1.00 8.43  ? 59  GLN A N   1 
ATOM   244 C  CA  . GLN A 1 32 ? -1.840  3.651   -10.243 1.00 8.68  ? 59  GLN A CA  1 
ATOM   245 C  C   . GLN A 1 32 ? -1.734  3.831   -8.739  1.00 7.44  ? 59  GLN A C   1 
ATOM   246 O  O   . GLN A 1 32 ? -1.422  4.917   -8.259  1.00 6.79  ? 59  GLN A O   1 
ATOM   247 C  CB  . GLN A 1 32 ? -0.449  3.408   -10.837 1.00 10.51 ? 59  GLN A CB  1 
ATOM   248 C  CG  . GLN A 1 32 ? -0.495  2.946   -12.278 1.00 14.77 ? 59  GLN A CG  1 
ATOM   249 C  CD  . GLN A 1 32 ? -1.068  1.551   -12.404 1.00 17.60 ? 59  GLN A CD  1 
ATOM   250 O  OE1 . GLN A 1 32 ? -1.812  1.251   -13.338 1.00 20.69 ? 59  GLN A OE1 1 
ATOM   251 N  NE2 . GLN A 1 32 ? -0.718  0.685   -11.461 1.00 18.39 ? 59  GLN A NE2 1 
ATOM   252 N  N   . TRP A 1 33 ? -1.994  2.754   -8.004  1.00 5.56  ? 60  TRP A N   1 
ATOM   253 C  CA  . TRP A 1 33 ? -1.930  2.773   -6.551  1.00 4.73  ? 60  TRP A CA  1 
ATOM   254 C  C   . TRP A 1 33 ? -1.163  1.580   -6.013  1.00 5.66  ? 60  TRP A C   1 
ATOM   255 O  O   . TRP A 1 33 ? -1.030  0.553   -6.687  1.00 5.20  ? 60  TRP A O   1 
ATOM   256 C  CB  . TRP A 1 33 ? -3.336  2.748   -5.942  1.00 5.89  ? 60  TRP A CB  1 
ATOM   257 C  CG  . TRP A 1 33 ? -4.092  4.008   -6.145  1.00 6.70  ? 60  TRP A CG  1 
ATOM   258 C  CD1 . TRP A 1 33 ? -4.870  4.337   -7.216  1.00 8.29  ? 60  TRP A CD1 1 
ATOM   259 C  CD2 . TRP A 1 33 ? -4.087  5.148   -5.285  1.00 6.49  ? 60  TRP A CD2 1 
ATOM   260 N  NE1 . TRP A 1 33 ? -5.347  5.618   -7.077  1.00 6.90  ? 60  TRP A NE1 1 
ATOM   261 C  CE2 . TRP A 1 33 ? -4.881  6.139   -5.899  1.00 8.03  ? 60  TRP A CE2 1 
ATOM   262 C  CE3 . TRP A 1 33 ? -3.484  5.430   -4.052  1.00 7.50  ? 60  TRP A CE3 1 
ATOM   263 C  CZ2 . TRP A 1 33 ? -5.090  7.396   -5.323  1.00 7.12  ? 60  TRP A CZ2 1 
ATOM   264 C  CZ3 . TRP A 1 33 ? -3.692  6.681   -3.479  1.00 10.68 ? 60  TRP A CZ3 1 
ATOM   265 C  CH2 . TRP A 1 33 ? -4.490  7.648   -4.118  1.00 8.82  ? 60  TRP A CH2 1 
ATOM   266 N  N   . ALA A 1 34 ? -0.659  1.729   -4.794  1.00 4.01  ? 61  ALA A N   1 
ATOM   267 C  CA  . ALA A 1 34 ? 0.057   0.658   -4.128  1.00 5.49  ? 61  ALA A CA  1 
ATOM   268 C  C   . ALA A 1 34 ? -0.662  0.378   -2.813  1.00 6.06  ? 61  ALA A C   1 
ATOM   269 O  O   . ALA A 1 34 ? -0.899  1.295   -2.028  1.00 6.63  ? 61  ALA A O   1 
ATOM   270 C  CB  . ALA A 1 34 ? 1.507   1.071   -3.854  1.00 4.37  ? 61  ALA A CB  1 
ATOM   271 N  N   . GLY A 1 35 ? -1.035  -0.879  -2.597  1.00 4.49  ? 62  GLY A N   1 
ATOM   272 C  CA  . GLY A 1 35 ? -1.684  -1.262  -1.356  1.00 2.94  ? 62  GLY A CA  1 
ATOM   273 C  C   . GLY A 1 35 ? -0.565  -1.835  -0.506  1.00 5.21  ? 62  GLY A C   1 
ATOM   274 O  O   . GLY A 1 35 ? 0.052   -2.835  -0.876  1.00 4.08  ? 62  GLY A O   1 
ATOM   275 N  N   . ILE A 1 36 ? -0.302  -1.207  0.633   1.00 4.80  ? 63  ILE A N   1 
ATOM   276 C  CA  . ILE A 1 36 ? 0.785   -1.626  1.503   1.00 5.26  ? 63  ILE A CA  1 
ATOM   277 C  C   . ILE A 1 36 ? 0.349   -2.021  2.905   1.00 5.00  ? 63  ILE A C   1 
ATOM   278 O  O   . ILE A 1 36 ? -0.507  -1.369  3.499   1.00 4.63  ? 63  ILE A O   1 
ATOM   279 C  CB  . ILE A 1 36 ? 1.811   -0.479  1.648   1.00 6.04  ? 63  ILE A CB  1 
ATOM   280 C  CG1 . ILE A 1 36 ? 2.347   -0.087  0.271   1.00 7.09  ? 63  ILE A CG1 1 
ATOM   281 C  CG2 . ILE A 1 36 ? 2.942   -0.890  2.583   1.00 5.03  ? 63  ILE A CG2 1 
ATOM   282 C  CD1 . ILE A 1 36 ? 3.094   1.212   0.281   1.00 12.77 ? 63  ILE A CD1 1 
ATOM   283 N  N   . VAL A 1 37 ? 0.940   -3.092  3.427   1.00 4.77  ? 64  VAL A N   1 
ATOM   284 C  CA  . VAL A 1 37 ? 0.650   -3.513  4.790   1.00 5.33  ? 64  VAL A CA  1 
ATOM   285 C  C   . VAL A 1 37 ? 1.837   -3.002  5.609   1.00 5.64  ? 64  VAL A C   1 
ATOM   286 O  O   . VAL A 1 37 ? 2.972   -3.457  5.447   1.00 5.22  ? 64  VAL A O   1 
ATOM   287 C  CB  . VAL A 1 37 ? 0.509   -5.053  4.919   1.00 6.67  ? 64  VAL A CB  1 
ATOM   288 C  CG1 . VAL A 1 37 ? 1.738   -5.755  4.362   1.00 7.75  ? 64  VAL A CG1 1 
ATOM   289 C  CG2 . VAL A 1 37 ? 0.289   -5.424  6.389   1.00 5.85  ? 64  VAL A CG2 1 
ATOM   290 N  N   . LEU A 1 38 ? 1.571   -2.022  6.463   1.00 5.01  ? 65  LEU A N   1 
ATOM   291 C  CA  . LEU A 1 38 ? 2.615   -1.411  7.277   1.00 6.77  ? 65  LEU A CA  1 
ATOM   292 C  C   . LEU A 1 38 ? 3.061   -2.272  8.450   1.00 7.90  ? 65  LEU A C   1 
ATOM   293 O  O   . LEU A 1 38 ? 2.316   -3.128  8.927   1.00 7.33  ? 65  LEU A O   1 
ATOM   294 C  CB  . LEU A 1 38 ? 2.134   -0.052  7.796   1.00 5.72  ? 65  LEU A CB  1 
ATOM   295 C  CG  . LEU A 1 38 ? 1.738   0.973   6.725   1.00 5.87  ? 65  LEU A CG  1 
ATOM   296 C  CD1 . LEU A 1 38 ? 1.112   2.190   7.386   1.00 5.88  ? 65  LEU A CD1 1 
ATOM   297 C  CD2 . LEU A 1 38 ? 2.957   1.377   5.917   1.00 5.19  ? 65  LEU A CD2 1 
ATOM   298 N  N   . ASP A 1 39 ? 4.289   -2.041  8.903   1.00 8.01  ? 66  ASP A N   1 
ATOM   299 C  CA  . ASP A 1 39 ? 4.832   -2.764  10.045  1.00 9.39  ? 66  ASP A CA  1 
ATOM   300 C  C   . ASP A 1 39 ? 4.102   -2.299  11.310  1.00 10.40 ? 66  ASP A C   1 
ATOM   301 O  O   . ASP A 1 39 ? 3.861   -3.087  12.229  1.00 9.67  ? 66  ASP A O   1 
ATOM   302 C  CB  . ASP A 1 39 ? 6.330   -2.469  10.190  1.00 11.39 ? 66  ASP A CB  1 
ATOM   303 C  CG  . ASP A 1 39 ? 7.189   -3.246  9.201   1.00 10.77 ? 66  ASP A CG  1 
ATOM   304 O  OD1 . ASP A 1 39 ? 6.664   -3.743  8.183   1.00 13.13 ? 66  ASP A OD1 1 
ATOM   305 O  OD2 . ASP A 1 39 ? 8.406   -3.353  9.443   1.00 13.59 ? 66  ASP A OD2 1 
ATOM   306 N  N   . GLU A 1 40 ? 3.750   -1.015  11.340  1.00 9.74  ? 67  GLU A N   1 
ATOM   307 C  CA  . GLU A 1 40 ? 3.070   -0.399  12.484  1.00 11.03 ? 67  GLU A CA  1 
ATOM   308 C  C   . GLU A 1 40 ? 1.597   -0.111  12.197  1.00 9.47  ? 67  GLU A C   1 
ATOM   309 O  O   . GLU A 1 40 ? 1.211   0.120   11.053  1.00 8.66  ? 67  GLU A O   1 
ATOM   310 C  CB  . GLU A 1 40 ? 3.749   0.927   12.845  1.00 14.06 ? 67  GLU A CB  1 
ATOM   311 C  CG  . GLU A 1 40 ? 5.256   0.866   13.004  1.00 21.75 ? 67  GLU A CG  1 
ATOM   312 C  CD  . GLU A 1 40 ? 5.683   0.401   14.376  1.00 26.07 ? 67  GLU A CD  1 
ATOM   313 O  OE1 . GLU A 1 40 ? 5.335   -0.738  14.754  1.00 29.99 ? 67  GLU A OE1 1 
ATOM   314 O  OE2 . GLU A 1 40 ? 6.367   1.180   15.076  1.00 29.06 ? 67  GLU A OE2 1 
ATOM   315 N  N   . PRO A 1 41 ? 0.756   -0.106  13.242  1.00 10.09 ? 68  PRO A N   1 
ATOM   316 C  CA  . PRO A 1 41 ? -0.675  0.166   13.061  1.00 9.63  ? 68  PRO A CA  1 
ATOM   317 C  C   . PRO A 1 41 ? -0.935  1.665   12.909  1.00 9.28  ? 68  PRO A C   1 
ATOM   318 O  O   . PRO A 1 41 ? -1.685  2.250   13.683  1.00 8.01  ? 68  PRO A O   1 
ATOM   319 C  CB  . PRO A 1 41 ? -1.291  -0.399  14.338  1.00 11.49 ? 68  PRO A CB  1 
ATOM   320 C  CG  . PRO A 1 41 ? -0.225  -0.107  15.359  1.00 11.66 ? 68  PRO A CG  1 
ATOM   321 C  CD  . PRO A 1 41 ? 1.042   -0.516  14.632  1.00 9.92  ? 68  PRO A CD  1 
ATOM   322 N  N   . ILE A 1 42 ? -0.301  2.282   11.916  1.00 8.32  ? 69  ILE A N   1 
ATOM   323 C  CA  . ILE A 1 42 ? -0.468  3.713   11.678  1.00 9.15  ? 69  ILE A CA  1 
ATOM   324 C  C   . ILE A 1 42 ? -1.188  3.929   10.352  1.00 8.54  ? 69  ILE A C   1 
ATOM   325 O  O   . ILE A 1 42 ? -1.175  5.029   9.796   1.00 7.81  ? 69  ILE A O   1 
ATOM   326 C  CB  . ILE A 1 42 ? 0.900   4.434   11.633  1.00 8.98  ? 69  ILE A CB  1 
ATOM   327 C  CG1 . ILE A 1 42 ? 1.757   3.854   10.506  1.00 10.33 ? 69  ILE A CG1 1 
ATOM   328 C  CG2 . ILE A 1 42 ? 1.617   4.276   12.965  1.00 10.60 ? 69  ILE A CG2 1 
ATOM   329 C  CD1 . ILE A 1 42 ? 3.163   4.453   10.418  1.00 11.47 ? 69  ILE A CD1 1 
ATOM   330 N  N   . GLY A 1 43 ? -1.818  2.862   9.866   1.00 8.07  ? 70  GLY A N   1 
ATOM   331 C  CA  . GLY A 1 43 ? -2.536  2.905   8.606   1.00 7.58  ? 70  GLY A CA  1 
ATOM   332 C  C   . GLY A 1 43 ? -3.996  3.295   8.736   1.00 8.57  ? 70  GLY A C   1 
ATOM   333 O  O   . GLY A 1 43 ? -4.418  3.784   9.782   1.00 7.96  ? 70  GLY A O   1 
ATOM   334 N  N   . LYS A 1 44 ? -4.774  3.052   7.682   1.00 7.05  ? 71  LYS A N   1 
ATOM   335 C  CA  . LYS A 1 44 ? -6.183  3.438   7.672   1.00 8.32  ? 71  LYS A CA  1 
ATOM   336 C  C   . LYS A 1 44 ? -7.206  2.351   7.368   1.00 7.50  ? 71  LYS A C   1 
ATOM   337 O  O   . LYS A 1 44 ? -8.397  2.547   7.604   1.00 4.87  ? 71  LYS A O   1 
ATOM   338 C  CB  . LYS A 1 44 ? -6.404  4.566   6.659   1.00 11.06 ? 71  LYS A CB  1 
ATOM   339 C  CG  . LYS A 1 44 ? -5.631  5.844   6.932   1.00 17.20 ? 71  LYS A CG  1 
ATOM   340 C  CD  . LYS A 1 44 ? -5.944  6.882   5.864   1.00 21.68 ? 71  LYS A CD  1 
ATOM   341 C  CE  . LYS A 1 44 ? -5.158  8.168   6.072   1.00 24.72 ? 71  LYS A CE  1 
ATOM   342 N  NZ  . LYS A 1 44 ? -5.481  9.169   5.008   1.00 27.56 ? 71  LYS A NZ  1 
ATOM   343 N  N   . ASN A 1 45 ? -6.769  1.211   6.848   1.00 6.50  ? 72  ASN A N   1 
ATOM   344 C  CA  . ASN A 1 45 ? -7.739  0.182   6.497   1.00 6.20  ? 72  ASN A CA  1 
ATOM   345 C  C   . ASN A 1 45 ? -7.229  -1.245  6.611   1.00 5.72  ? 72  ASN A C   1 
ATOM   346 O  O   . ASN A 1 45 ? -6.068  -1.484  6.952   1.00 5.53  ? 72  ASN A O   1 
ATOM   347 C  CB  . ASN A 1 45 ? -8.237  0.431   5.073   1.00 7.30  ? 72  ASN A CB  1 
ATOM   348 C  CG  . ASN A 1 45 ? -7.112  0.401   4.058   1.00 6.49  ? 72  ASN A CG  1 
ATOM   349 O  OD1 . ASN A 1 45 ? -6.436  -0.609  3.904   1.00 7.09  ? 72  ASN A OD1 1 
ATOM   350 N  ND2 . ASN A 1 45 ? -6.905  1.515   3.363   1.00 8.67  ? 72  ASN A ND2 1 
ATOM   351 N  N   . ASP A 1 46 ? -8.117  -2.187  6.306   1.00 3.86  ? 73  ASP A N   1 
ATOM   352 C  CA  . ASP A 1 46 ? -7.811  -3.612  6.375   1.00 5.15  ? 73  ASP A CA  1 
ATOM   353 C  C   . ASP A 1 46 ? -7.563  -4.173  4.984   1.00 3.34  ? 73  ASP A C   1 
ATOM   354 O  O   . ASP A 1 46 ? -7.597  -5.388  4.784   1.00 2.15  ? 73  ASP A O   1 
ATOM   355 C  CB  . ASP A 1 46 ? -8.988  -4.359  7.010   1.00 6.06  ? 73  ASP A CB  1 
ATOM   356 C  CG  . ASP A 1 46 ? -10.203 -4.421  6.092   1.00 10.20 ? 73  ASP A CG  1 
ATOM   357 O  OD1 . ASP A 1 46 ? -10.321 -3.563  5.189   1.00 10.83 ? 73  ASP A OD1 1 
ATOM   358 O  OD2 . ASP A 1 46 ? -11.048 -5.322  6.278   1.00 8.97  ? 73  ASP A OD2 1 
ATOM   359 N  N   . GLY A 1 47 ? -7.311  -3.282  4.030   1.00 1.48  ? 74  GLY A N   1 
ATOM   360 C  CA  . GLY A 1 47 ? -7.084  -3.703  2.659   1.00 3.00  ? 74  GLY A CA  1 
ATOM   361 C  C   . GLY A 1 47 ? -8.307  -3.469  1.786   1.00 3.83  ? 74  GLY A C   1 
ATOM   362 O  O   . GLY A 1 47 ? -8.289  -3.750  0.587   1.00 1.95  ? 74  GLY A O   1 
ATOM   363 N  N   . SER A 1 48 ? -9.383  -2.965  2.383   1.00 3.49  ? 75  SER A N   1 
ATOM   364 C  CA  . SER A 1 48 ? -10.603 -2.694  1.627   1.00 4.21  ? 75  SER A CA  1 
ATOM   365 C  C   . SER A 1 48 ? -10.976 -1.221  1.728   1.00 4.64  ? 75  SER A C   1 
ATOM   366 O  O   . SER A 1 48 ? -10.633 -0.554  2.702   1.00 3.39  ? 75  SER A O   1 
ATOM   367 C  CB  . SER A 1 48 ? -11.766 -3.554  2.144   1.00 3.43  ? 75  SER A CB  1 
ATOM   368 O  OG  . SER A 1 48 ? -12.100 -3.232  3.485   1.00 6.08  ? 75  SER A OG  1 
ATOM   369 N  N   . VAL A 1 49 ? -11.664 -0.717  0.707   1.00 5.27  ? 76  VAL A N   1 
ATOM   370 C  CA  . VAL A 1 49 ? -12.116 0.672   0.681   1.00 4.60  ? 76  VAL A CA  1 
ATOM   371 C  C   . VAL A 1 49 ? -13.550 0.686   0.163   1.00 5.92  ? 76  VAL A C   1 
ATOM   372 O  O   . VAL A 1 49 ? -13.840 0.130   -0.900  1.00 5.35  ? 76  VAL A O   1 
ATOM   373 C  CB  . VAL A 1 49 ? -11.238 1.543   -0.245  1.00 4.62  ? 76  VAL A CB  1 
ATOM   374 C  CG1 . VAL A 1 49 ? -11.802 2.958   -0.323  1.00 6.01  ? 76  VAL A CG1 1 
ATOM   375 C  CG2 . VAL A 1 49 ? -9.810  1.581   0.272   1.00 5.69  ? 76  VAL A CG2 1 
ATOM   376 N  N   . ALA A 1 50 ? -14.450 1.295   0.928   1.00 7.42  ? 77  ALA A N   1 
ATOM   377 C  CA  . ALA A 1 50 ? -15.857 1.377   0.538   1.00 7.54  ? 77  ALA A CA  1 
ATOM   378 C  C   . ALA A 1 50 ? -16.458 0.004   0.240   1.00 8.19  ? 77  ALA A C   1 
ATOM   379 O  O   . ALA A 1 50 ? -17.239 -0.146  -0.700  1.00 7.84  ? 77  ALA A O   1 
ATOM   380 C  CB  . ALA A 1 50 ? -16.009 2.288   -0.681  1.00 8.02  ? 77  ALA A CB  1 
ATOM   381 N  N   . GLY A 1 51 ? -16.086 -0.997  1.034   1.00 8.38  ? 78  GLY A N   1 
ATOM   382 C  CA  . GLY A 1 51 ? -16.617 -2.335  0.832   1.00 8.61  ? 78  GLY A CA  1 
ATOM   383 C  C   . GLY A 1 51 ? -15.967 -3.130  -0.287  1.00 8.83  ? 78  GLY A C   1 
ATOM   384 O  O   . GLY A 1 51 ? -16.353 -4.272  -0.545  1.00 9.57  ? 78  GLY A O   1 
ATOM   385 N  N   . VAL A 1 52 ? -14.989 -2.535  -0.960  1.00 6.24  ? 79  VAL A N   1 
ATOM   386 C  CA  . VAL A 1 52 ? -14.292 -3.213  -2.048  1.00 5.10  ? 79  VAL A CA  1 
ATOM   387 C  C   . VAL A 1 52 ? -12.922 -3.650  -1.548  1.00 4.79  ? 79  VAL A C   1 
ATOM   388 O  O   . VAL A 1 52 ? -12.146 -2.824  -1.082  1.00 3.16  ? 79  VAL A O   1 
ATOM   389 C  CB  . VAL A 1 52 ? -14.115 -2.284  -3.261  1.00 6.65  ? 79  VAL A CB  1 
ATOM   390 C  CG1 . VAL A 1 52 ? -13.327 -2.994  -4.350  1.00 6.58  ? 79  VAL A CG1 1 
ATOM   391 C  CG2 . VAL A 1 52 ? -15.486 -1.859  -3.791  1.00 9.21  ? 79  VAL A CG2 1 
ATOM   392 N  N   . ARG A 1 53 ? -12.622 -4.941  -1.645  1.00 3.89  ? 80  ARG A N   1 
ATOM   393 C  CA  . ARG A 1 53 ? -11.341 -5.439  -1.159  1.00 3.44  ? 80  ARG A CA  1 
ATOM   394 C  C   . ARG A 1 53 ? -10.261 -5.554  -2.224  1.00 4.81  ? 80  ARG A C   1 
ATOM   395 O  O   . ARG A 1 53 ? -10.503 -6.055  -3.328  1.00 3.44  ? 80  ARG A O   1 
ATOM   396 C  CB  . ARG A 1 53 ? -11.537 -6.790  -0.462  1.00 3.26  ? 80  ARG A CB  1 
ATOM   397 C  CG  . ARG A 1 53 ? -10.276 -7.316  0.231   1.00 4.05  ? 80  ARG A CG  1 
ATOM   398 C  CD  . ARG A 1 53 ? -10.598 -8.475  1.173   1.00 4.92  ? 80  ARG A CD  1 
ATOM   399 N  NE  . ARG A 1 53 ? -11.413 -8.057  2.312   1.00 5.01  ? 80  ARG A NE  1 
ATOM   400 C  CZ  . ARG A 1 53 ? -10.971 -7.309  3.317   1.00 7.28  ? 80  ARG A CZ  1 
ATOM   401 N  NH1 . ARG A 1 53 ? -9.712  -6.885  3.335   1.00 4.65  ? 80  ARG A NH1 1 
ATOM   402 N  NH2 . ARG A 1 53 ? -11.783 -6.993  4.315   1.00 4.85  ? 80  ARG A NH2 1 
ATOM   403 N  N   . TYR A 1 54 ? -9.067  -5.074  -1.885  1.00 1.56  ? 81  TYR A N   1 
ATOM   404 C  CA  . TYR A 1 54 ? -7.927  -5.130  -2.792  1.00 4.48  ? 81  TYR A CA  1 
ATOM   405 C  C   . TYR A 1 54 ? -6.884  -6.080  -2.205  1.00 4.19  ? 81  TYR A C   1 
ATOM   406 O  O   . TYR A 1 54 ? -6.178  -6.772  -2.933  1.00 3.26  ? 81  TYR A O   1 
ATOM   407 C  CB  . TYR A 1 54 ? -7.348  -3.729  -2.998  1.00 3.05  ? 81  TYR A CB  1 
ATOM   408 C  CG  . TYR A 1 54 ? -8.367  -2.748  -3.546  1.00 3.76  ? 81  TYR A CG  1 
ATOM   409 C  CD1 . TYR A 1 54 ? -9.190  -2.012  -2.695  1.00 4.39  ? 81  TYR A CD1 1 
ATOM   410 C  CD2 . TYR A 1 54 ? -8.531  -2.584  -4.921  1.00 1.40  ? 81  TYR A CD2 1 
ATOM   411 C  CE1 . TYR A 1 54 ? -10.156 -1.129  -3.204  1.00 3.32  ? 81  TYR A CE1 1 
ATOM   412 C  CE2 . TYR A 1 54 ? -9.488  -1.712  -5.437  1.00 3.23  ? 81  TYR A CE2 1 
ATOM   413 C  CZ  . TYR A 1 54 ? -10.296 -0.987  -4.573  1.00 3.93  ? 81  TYR A CZ  1 
ATOM   414 O  OH  . TYR A 1 54 ? -11.242 -0.123  -5.086  1.00 3.02  ? 81  TYR A OH  1 
ATOM   415 N  N   . PHE A 1 55 ? -6.788  -6.095  -0.877  1.00 4.64  ? 82  PHE A N   1 
ATOM   416 C  CA  . PHE A 1 55 ? -5.880  -7.001  -0.178  1.00 5.25  ? 82  PHE A CA  1 
ATOM   417 C  C   . PHE A 1 55 ? -6.398  -7.177  1.246   1.00 4.33  ? 82  PHE A C   1 
ATOM   418 O  O   . PHE A 1 55 ? -7.487  -6.701  1.563   1.00 5.24  ? 82  PHE A O   1 
ATOM   419 C  CB  . PHE A 1 55 ? -4.419  -6.491  -0.221  1.00 3.12  ? 82  PHE A CB  1 
ATOM   420 C  CG  . PHE A 1 55 ? -4.165  -5.215  0.541   1.00 4.80  ? 82  PHE A CG  1 
ATOM   421 C  CD1 . PHE A 1 55 ? -3.639  -5.252  1.832   1.00 7.35  ? 82  PHE A CD1 1 
ATOM   422 C  CD2 . PHE A 1 55 ? -4.392  -3.974  -0.052  1.00 4.84  ? 82  PHE A CD2 1 
ATOM   423 C  CE1 . PHE A 1 55 ? -3.337  -4.073  2.520   1.00 6.06  ? 82  PHE A CE1 1 
ATOM   424 C  CE2 . PHE A 1 55 ? -4.097  -2.789  0.626   1.00 6.13  ? 82  PHE A CE2 1 
ATOM   425 C  CZ  . PHE A 1 55 ? -3.567  -2.838  1.915   1.00 6.93  ? 82  PHE A CZ  1 
ATOM   426 N  N   . GLN A 1 56 ? -5.660  -7.873  2.098   1.00 3.84  ? 83  GLN A N   1 
ATOM   427 C  CA  . GLN A 1 56 ? -6.133  -8.069  3.466   1.00 5.39  ? 83  GLN A CA  1 
ATOM   428 C  C   . GLN A 1 56 ? -5.035  -7.965  4.514   1.00 4.68  ? 83  GLN A C   1 
ATOM   429 O  O   . GLN A 1 56 ? -3.942  -8.494  4.331   1.00 4.21  ? 83  GLN A O   1 
ATOM   430 C  CB  . GLN A 1 56 ? -6.827  -9.430  3.590   1.00 7.48  ? 83  GLN A CB  1 
ATOM   431 C  CG  . GLN A 1 56 ? -7.309  -9.767  5.001   1.00 9.90  ? 83  GLN A CG  1 
ATOM   432 C  CD  . GLN A 1 56 ? -7.900  -11.165 5.088   1.00 14.22 ? 83  GLN A CD  1 
ATOM   433 O  OE1 . GLN A 1 56 ? -8.750  -11.540 4.281   1.00 15.04 ? 83  GLN A OE1 1 
ATOM   434 N  NE2 . GLN A 1 56 ? -7.454  -11.943 6.073   1.00 14.81 ? 83  GLN A NE2 1 
ATOM   435 N  N   . CYS A 1 57 ? -5.338  -7.279  5.612   1.00 4.45  ? 84  CYS A N   1 
ATOM   436 C  CA  . CYS A 1 57 ? -4.397  -7.113  6.716   1.00 5.34  ? 84  CYS A CA  1 
ATOM   437 C  C   . CYS A 1 57 ? -5.155  -6.611  7.945   1.00 6.38  ? 84  CYS A C   1 
ATOM   438 O  O   . CYS A 1 57 ? -6.378  -6.451  7.901   1.00 6.85  ? 84  CYS A O   1 
ATOM   439 C  CB  . CYS A 1 57 ? -3.306  -6.107  6.340   1.00 6.31  ? 84  CYS A CB  1 
ATOM   440 S  SG  . CYS A 1 57 ? -3.916  -4.431  5.999   1.00 6.75  ? 84  CYS A SG  1 
ATOM   441 N  N   . GLU A 1 58 ? -4.435  -6.374  9.038   1.00 6.81  ? 85  GLU A N   1 
ATOM   442 C  CA  . GLU A 1 58 ? -5.055  -5.860  10.259  1.00 9.48  ? 85  GLU A CA  1 
ATOM   443 C  C   . GLU A 1 58 ? -5.695  -4.525  9.887   1.00 7.93  ? 85  GLU A C   1 
ATOM   444 O  O   . GLU A 1 58 ? -5.169  -3.798  9.046   1.00 9.10  ? 85  GLU A O   1 
ATOM   445 C  CB  . GLU A 1 58 ? -3.998  -5.662  11.346  1.00 11.61 ? 85  GLU A CB  1 
ATOM   446 C  CG  . GLU A 1 58 ? -3.102  -6.875  11.544  1.00 18.04 ? 85  GLU A CG  1 
ATOM   447 C  CD  . GLU A 1 58 ? -2.160  -6.728  12.723  1.00 21.41 ? 85  GLU A CD  1 
ATOM   448 O  OE1 . GLU A 1 58 ? -1.157  -7.473  12.777  1.00 26.31 ? 85  GLU A OE1 1 
ATOM   449 O  OE2 . GLU A 1 58 ? -2.424  -5.878  13.600  1.00 23.14 ? 85  GLU A OE2 1 
ATOM   450 N  N   . PRO A 1 59 ? -6.832  -4.180  10.510  1.00 8.96  ? 86  PRO A N   1 
ATOM   451 C  CA  . PRO A 1 59 ? -7.562  -2.935  10.241  1.00 9.92  ? 86  PRO A CA  1 
ATOM   452 C  C   . PRO A 1 59 ? -6.820  -1.598  10.291  1.00 10.41 ? 86  PRO A C   1 
ATOM   453 O  O   . PRO A 1 59 ? -7.288  -0.616  9.712   1.00 10.27 ? 86  PRO A O   1 
ATOM   454 C  CB  . PRO A 1 59 ? -8.726  -2.992  11.240  1.00 10.37 ? 86  PRO A CB  1 
ATOM   455 C  CG  . PRO A 1 59 ? -8.189  -3.840  12.356  1.00 11.69 ? 86  PRO A CG  1 
ATOM   456 C  CD  . PRO A 1 59 ? -7.483  -4.935  11.596  1.00 10.52 ? 86  PRO A CD  1 
ATOM   457 N  N   . LEU A 1 60 ? -5.682  -1.540  10.971  1.00 9.85  ? 87  LEU A N   1 
ATOM   458 C  CA  . LEU A 1 60 ? -4.941  -0.283  11.057  1.00 10.58 ? 87  LEU A CA  1 
ATOM   459 C  C   . LEU A 1 60 ? -3.569  -0.366  10.413  1.00 9.43  ? 87  LEU A C   1 
ATOM   460 O  O   . LEU A 1 60 ? -2.741  0.522   10.603  1.00 9.86  ? 87  LEU A O   1 
ATOM   461 C  CB  . LEU A 1 60 ? -4.764  0.146   12.518  1.00 11.55 ? 87  LEU A CB  1 
ATOM   462 C  CG  . LEU A 1 60 ? -6.017  0.342   13.372  1.00 15.26 ? 87  LEU A CG  1 
ATOM   463 C  CD1 . LEU A 1 60 ? -6.950  1.344   12.718  1.00 13.48 ? 87  LEU A CD1 1 
ATOM   464 C  CD2 . LEU A 1 60 ? -6.706  -0.993  13.539  1.00 19.32 ? 87  LEU A CD2 1 
ATOM   465 N  N   . LYS A 1 61 ? -3.318  -1.431  9.661   1.00 8.18  ? 88  LYS A N   1 
ATOM   466 C  CA  . LYS A 1 61 ? -2.022  -1.585  9.018   1.00 7.67  ? 88  LYS A CA  1 
ATOM   467 C  C   . LYS A 1 61 ? -2.035  -1.388  7.509   1.00 8.33  ? 88  LYS A C   1 
ATOM   468 O  O   . LYS A 1 61 ? -0.979  -1.340  6.876   1.00 7.94  ? 88  LYS A O   1 
ATOM   469 C  CB  . LYS A 1 61 ? -1.429  -2.953  9.361   1.00 10.16 ? 88  LYS A CB  1 
ATOM   470 C  CG  . LYS A 1 61 ? -1.004  -3.069  10.822  1.00 12.61 ? 88  LYS A CG  1 
ATOM   471 C  CD  . LYS A 1 61 ? -0.198  -4.333  11.067  1.00 16.67 ? 88  LYS A CD  1 
ATOM   472 C  CE  . LYS A 1 61 ? 0.418   -4.321  12.459  1.00 19.70 ? 88  LYS A CE  1 
ATOM   473 N  NZ  . LYS A 1 61 ? 1.325   -5.488  12.661  1.00 22.40 ? 88  LYS A NZ  1 
ATOM   474 N  N   . GLY A 1 62 ? -3.221  -1.255  6.928   1.00 5.71  ? 89  GLY A N   1 
ATOM   475 C  CA  . GLY A 1 62 ? -3.289  -1.068  5.490   1.00 5.14  ? 89  GLY A CA  1 
ATOM   476 C  C   . GLY A 1 62 ? -3.443  0.377   5.044   1.00 5.51  ? 89  GLY A C   1 
ATOM   477 O  O   . GLY A 1 62 ? -4.140  1.169   5.679   1.00 3.67  ? 89  GLY A O   1 
ATOM   478 N  N   . ILE A 1 63 ? -2.766  0.727   3.955   1.00 4.63  ? 90  ILE A N   1 
ATOM   479 C  CA  . ILE A 1 63 ? -2.861  2.066   3.379   1.00 6.50  ? 90  ILE A CA  1 
ATOM   480 C  C   . ILE A 1 63 ? -2.659  1.942   1.881   1.00 6.18  ? 90  ILE A C   1 
ATOM   481 O  O   . ILE A 1 63 ? -2.015  1.000   1.407   1.00 7.27  ? 90  ILE A O   1 
ATOM   482 C  CB  . ILE A 1 63 ? -1.762  3.038   3.889   1.00 7.51  ? 90  ILE A CB  1 
ATOM   483 C  CG1 . ILE A 1 63 ? -0.392  2.563   3.410   1.00 10.29 ? 90  ILE A CG1 1 
ATOM   484 C  CG2 . ILE A 1 63 ? -1.807  3.144   5.404   1.00 11.37 ? 90  ILE A CG2 1 
ATOM   485 C  CD1 . ILE A 1 63 ? 0.719   3.565   3.630   1.00 15.09 ? 90  ILE A CD1 1 
ATOM   486 N  N   . PHE A 1 64 ? -3.224  2.884   1.139   1.00 5.51  ? 91  PHE A N   1 
ATOM   487 C  CA  . PHE A 1 64 ? -3.052  2.918   -0.301  1.00 6.51  ? 91  PHE A CA  1 
ATOM   488 C  C   . PHE A 1 64 ? -2.310  4.214   -0.556  1.00 7.77  ? 91  PHE A C   1 
ATOM   489 O  O   . PHE A 1 64 ? -2.677  5.261   -0.026  1.00 7.41  ? 91  PHE A O   1 
ATOM   490 C  CB  . PHE A 1 64 ? -4.387  2.949   -1.041  1.00 7.13  ? 91  PHE A CB  1 
ATOM   491 C  CG  . PHE A 1 64 ? -5.126  1.649   -1.011  1.00 6.97  ? 91  PHE A CG  1 
ATOM   492 C  CD1 . PHE A 1 64 ? -5.961  1.332   0.053   1.00 5.62  ? 91  PHE A CD1 1 
ATOM   493 C  CD2 . PHE A 1 64 ? -4.981  0.732   -2.049  1.00 8.08  ? 91  PHE A CD2 1 
ATOM   494 C  CE1 . PHE A 1 64 ? -6.644  0.117   0.083   1.00 7.60  ? 91  PHE A CE1 1 
ATOM   495 C  CE2 . PHE A 1 64 ? -5.660  -0.481  -2.026  1.00 6.37  ? 91  PHE A CE2 1 
ATOM   496 C  CZ  . PHE A 1 64 ? -6.494  -0.786  -0.957  1.00 4.27  ? 91  PHE A CZ  1 
ATOM   497 N  N   . THR A 1 65 ? -1.258  4.145   -1.355  1.00 7.18  ? 92  THR A N   1 
ATOM   498 C  CA  . THR A 1 65 ? -0.483  5.332   -1.648  1.00 8.50  ? 92  THR A CA  1 
ATOM   499 C  C   . THR A 1 65 ? -0.081  5.336   -3.102  1.00 7.68  ? 92  THR A C   1 
ATOM   500 O  O   . THR A 1 65 ? -0.160  4.314   -3.782  1.00 7.15  ? 92  THR A O   1 
ATOM   501 C  CB  . THR A 1 65 ? 0.794   5.386   -0.789  1.00 11.12 ? 92  THR A CB  1 
ATOM   502 O  OG1 . THR A 1 65 ? 1.511   6.589   -1.081  1.00 15.39 ? 92  THR A OG1 1 
ATOM   503 C  CG2 . THR A 1 65 ? 1.693   4.181   -1.083  1.00 10.82 ? 92  THR A CG2 1 
ATOM   504 N  N   . ARG A 1 66 ? 0.325   6.500   -3.588  1.00 7.38  ? 93  ARG A N   1 
ATOM   505 C  CA  . ARG A 1 66 ? 0.786   6.603   -4.959  1.00 8.20  ? 93  ARG A CA  1 
ATOM   506 C  C   . ARG A 1 66 ? 2.178   5.993   -4.928  1.00 7.43  ? 93  ARG A C   1 
ATOM   507 O  O   . ARG A 1 66 ? 2.922   6.204   -3.974  1.00 7.93  ? 93  ARG A O   1 
ATOM   508 C  CB  . ARG A 1 66 ? 0.862   8.067   -5.383  1.00 9.56  ? 93  ARG A CB  1 
ATOM   509 C  CG  . ARG A 1 66 ? -0.489  8.731   -5.552  1.00 12.41 ? 93  ARG A CG  1 
ATOM   510 C  CD  . ARG A 1 66 ? -1.274  8.072   -6.671  1.00 15.37 ? 93  ARG A CD  1 
ATOM   511 N  NE  . ARG A 1 66 ? -2.401  8.894   -7.103  1.00 19.53 ? 93  ARG A NE  1 
ATOM   512 C  CZ  . ARG A 1 66 ? -3.279  8.523   -8.029  1.00 20.34 ? 93  ARG A CZ  1 
ATOM   513 N  NH1 . ARG A 1 66 ? -3.160  7.342   -8.619  1.00 20.61 ? 93  ARG A NH1 1 
ATOM   514 N  NH2 . ARG A 1 66 ? -4.270  9.335   -8.367  1.00 21.93 ? 93  ARG A NH2 1 
ATOM   515 N  N   . PRO A 1 67 ? 2.546   5.216   -5.958  1.00 7.65  ? 94  PRO A N   1 
ATOM   516 C  CA  . PRO A 1 67 ? 3.873   4.596   -5.989  1.00 9.16  ? 94  PRO A CA  1 
ATOM   517 C  C   . PRO A 1 67 ? 5.008   5.617   -5.897  1.00 9.15  ? 94  PRO A C   1 
ATOM   518 O  O   . PRO A 1 67 ? 6.130   5.277   -5.524  1.00 10.68 ? 94  PRO A O   1 
ATOM   519 C  CB  . PRO A 1 67 ? 3.876   3.852   -7.325  1.00 9.62  ? 94  PRO A CB  1 
ATOM   520 C  CG  . PRO A 1 67 ? 2.428   3.515   -7.523  1.00 12.40 ? 94  PRO A CG  1 
ATOM   521 C  CD  . PRO A 1 67 ? 1.747   4.800   -7.121  1.00 8.18  ? 94  PRO A CD  1 
ATOM   522 N  N   . SER A 1 68 ? 4.719   6.868   -6.241  1.00 8.82  ? 95  SER A N   1 
ATOM   523 C  CA  . SER A 1 68 ? 5.739   7.912   -6.186  1.00 9.62  ? 95  SER A CA  1 
ATOM   524 C  C   . SER A 1 68 ? 6.031   8.338   -4.752  1.00 9.79  ? 95  SER A C   1 
ATOM   525 O  O   . SER A 1 68 ? 7.043   8.978   -4.482  1.00 10.61 ? 95  SER A O   1 
ATOM   526 C  CB  . SER A 1 68 ? 5.286   9.136   -6.981  1.00 12.68 ? 95  SER A CB  1 
ATOM   527 O  OG  . SER A 1 68 ? 4.128   9.707   -6.394  1.00 14.69 ? 95  SER A OG  1 
ATOM   528 N  N   . LYS A 1 69 ? 5.146   7.978   -3.830  1.00 9.60  ? 96  LYS A N   1 
ATOM   529 C  CA  . LYS A 1 69 ? 5.322   8.363   -2.438  1.00 11.13 ? 96  LYS A CA  1 
ATOM   530 C  C   . LYS A 1 69 ? 5.954   7.296   -1.562  1.00 11.79 ? 96  LYS A C   1 
ATOM   531 O  O   . LYS A 1 69 ? 5.768   7.293   -0.344  1.00 12.08 ? 96  LYS A O   1 
ATOM   532 C  CB  . LYS A 1 69 ? 3.980   8.793   -1.849  1.00 12.36 ? 96  LYS A CB  1 
ATOM   533 C  CG  . LYS A 1 69 ? 3.430   10.060  -2.486  1.00 16.68 ? 96  LYS A CG  1 
ATOM   534 C  CD  . LYS A 1 69 ? 2.235   10.587  -1.714  1.00 20.13 ? 96  LYS A CD  1 
ATOM   535 C  CE  . LYS A 1 69 ? 1.827   11.970  -2.198  1.00 24.87 ? 96  LYS A CE  1 
ATOM   536 N  NZ  . LYS A 1 69 ? 0.736   12.548  -1.357  1.00 26.52 ? 96  LYS A NZ  1 
HETATM 537 N  N   . MSE A 1 70 ? 6.705   6.394   -2.184  1.00 10.67 ? 97  MSE A N   1 
HETATM 538 C  CA  . MSE A 1 70 ? 7.387   5.336   -1.451  1.00 11.21 ? 97  MSE A CA  1 
HETATM 539 C  C   . MSE A 1 70 ? 8.666   4.993   -2.190  1.00 9.76  ? 97  MSE A C   1 
HETATM 540 O  O   . MSE A 1 70 ? 8.760   5.184   -3.403  1.00 10.07 ? 97  MSE A O   1 
HETATM 541 C  CB  . MSE A 1 70 ? 6.498   4.090   -1.332  1.00 10.62 ? 97  MSE A CB  1 
HETATM 542 C  CG  . MSE A 1 70 ? 6.122   3.456   -2.659  1.00 14.00 ? 97  MSE A CG  1 
HETATM 543 SE SE  . MSE A 1 70 ? 4.735   2.116   -2.461  1.00 16.08 ? 97  MSE A SE  1 
HETATM 544 C  CE  . MSE A 1 70 ? 5.204   0.975   -3.941  1.00 13.90 ? 97  MSE A CE  1 
ATOM   545 N  N   . THR A 1 71 ? 9.652   4.489   -1.457  1.00 9.75  ? 98  THR A N   1 
ATOM   546 C  CA  . THR A 1 71 ? 10.929  4.126   -2.057  1.00 10.49 ? 98  THR A CA  1 
ATOM   547 C  C   . THR A 1 71 ? 11.506  2.862   -1.443  1.00 11.50 ? 98  THR A C   1 
ATOM   548 O  O   . THR A 1 71 ? 10.998  2.341   -0.449  1.00 9.00  ? 98  THR A O   1 
ATOM   549 C  CB  . THR A 1 71 ? 11.982  5.239   -1.867  1.00 11.42 ? 98  THR A CB  1 
ATOM   550 O  OG1 . THR A 1 71 ? 12.233  5.419   -0.470  1.00 12.59 ? 98  THR A OG1 1 
ATOM   551 C  CG2 . THR A 1 71 ? 11.497  6.549   -2.459  1.00 11.36 ? 98  THR A CG2 1 
ATOM   552 N  N   . ARG A 1 72 ? 12.571  2.375   -2.064  1.00 12.58 ? 99  ARG A N   1 
ATOM   553 C  CA  . ARG A 1 72 ? 13.282  1.199   -1.591  1.00 16.58 ? 99  ARG A CA  1 
ATOM   554 C  C   . ARG A 1 72 ? 14.564  1.712   -0.962  1.00 18.66 ? 99  ARG A C   1 
ATOM   555 O  O   . ARG A 1 72 ? 14.907  2.883   -1.115  1.00 19.47 ? 99  ARG A O   1 
ATOM   556 C  CB  . ARG A 1 72 ? 13.673  0.296   -2.752  1.00 16.86 ? 99  ARG A CB  1 
ATOM   557 C  CG  . ARG A 1 72 ? 12.533  -0.295  -3.526  1.00 18.91 ? 99  ARG A CG  1 
ATOM   558 C  CD  . ARG A 1 72 ? 13.075  -0.781  -4.844  1.00 15.03 ? 99  ARG A CD  1 
ATOM   559 N  NE  . ARG A 1 72 ? 12.130  -1.625  -5.551  1.00 13.87 ? 99  ARG A NE  1 
ATOM   560 C  CZ  . ARG A 1 72 ? 11.963  -1.588  -6.863  1.00 11.01 ? 99  ARG A CZ  1 
ATOM   561 N  NH1 . ARG A 1 72 ? 12.675  -0.740  -7.596  1.00 11.11 ? 99  ARG A NH1 1 
ATOM   562 N  NH2 . ARG A 1 72 ? 11.098  -2.405  -7.438  1.00 12.03 ? 99  ARG A NH2 1 
ATOM   563 N  N   . LYS A 1 73 ? 15.273  0.833   -0.266  1.00 20.79 ? 100 LYS A N   1 
ATOM   564 C  CA  . LYS A 1 73 ? 16.539  1.203   0.349   1.00 24.66 ? 100 LYS A CA  1 
ATOM   565 C  C   . LYS A 1 73 ? 17.615  0.225   -0.092  1.00 26.24 ? 100 LYS A C   1 
ATOM   566 O  O   . LYS A 1 73 ? 18.570  0.671   -0.759  1.00 29.19 ? 100 LYS A O   1 
ATOM   567 C  CB  . LYS A 1 73 ? 16.419  1.205   1.872   1.00 25.90 ? 100 LYS A CB  1 
ATOM   568 C  CG  . LYS A 1 73 ? 15.666  2.406   2.397   1.00 28.23 ? 100 LYS A CG  1 
ATOM   569 C  CD  . LYS A 1 73 ? 15.654  2.454   3.909   1.00 31.23 ? 100 LYS A CD  1 
ATOM   570 C  CE  . LYS A 1 73 ? 14.882  3.670   4.381   1.00 30.21 ? 100 LYS A CE  1 
ATOM   571 N  NZ  . LYS A 1 73 ? 14.746  3.688   5.855   1.00 35.41 ? 100 LYS A NZ  1 
HETATM 572 O  O   . HOH B 2 .  ? -7.208  3.635   -10.473 1.00 6.49  ? 102 HOH A O   1 
HETATM 573 O  O   . HOH B 2 .  ? -12.941 1.058   -3.527  1.00 3.10  ? 103 HOH A O   1 
HETATM 574 O  O   . HOH B 2 .  ? 8.173   -10.896 0.147   1.00 6.77  ? 104 HOH A O   1 
HETATM 575 O  O   . HOH B 2 .  ? -17.471 1.147   -3.467  1.00 7.95  ? 105 HOH A O   1 
HETATM 576 O  O   . HOH B 2 .  ? 10.619  3.651   10.614  1.00 10.33 ? 106 HOH A O   1 
HETATM 577 O  O   . HOH B 2 .  ? -4.277  10.705  7.748   1.00 9.53  ? 107 HOH A O   1 
HETATM 578 O  O   . HOH B 2 .  ? 4.611   -4.946  7.157   1.00 9.95  ? 108 HOH A O   1 
HETATM 579 O  O   . HOH B 2 .  ? 5.190   0.946   9.463   1.00 7.82  ? 109 HOH A O   1 
HETATM 580 O  O   . HOH B 2 .  ? 10.416  4.992   -5.600  1.00 8.89  ? 110 HOH A O   1 
HETATM 581 O  O   . HOH B 2 .  ? -11.162 -6.149  8.945   1.00 9.25  ? 111 HOH A O   1 
HETATM 582 O  O   . HOH B 2 .  ? 4.381   -4.571  -11.006 1.00 8.17  ? 112 HOH A O   1 
HETATM 583 O  O   . HOH B 2 .  ? 10.882  -3.847  -14.212 1.00 22.27 ? 113 HOH A O   1 
HETATM 584 O  O   . HOH B 2 .  ? -3.717  -4.375  -10.906 1.00 20.17 ? 114 HOH A O   1 
HETATM 585 O  O   . HOH B 2 .  ? -8.341  3.874   3.479   1.00 15.68 ? 115 HOH A O   1 
HETATM 586 O  O   . HOH B 2 .  ? -4.784  -3.253  13.496  1.00 18.09 ? 116 HOH A O   1 
HETATM 587 O  O   . HOH B 2 .  ? 10.451  -5.424  -11.303 1.00 12.06 ? 117 HOH A O   1 
HETATM 588 O  O   . HOH B 2 .  ? -3.293  -9.546  1.501   1.00 18.60 ? 118 HOH A O   1 
HETATM 589 O  O   . HOH B 2 .  ? -11.364 4.636   -10.525 1.00 25.28 ? 119 HOH A O   1 
HETATM 590 O  O   . HOH B 2 .  ? -10.964 -1.067  6.335   1.00 16.02 ? 120 HOH A O   1 
HETATM 591 O  O   . HOH B 2 .  ? -14.313 -1.339  3.202   1.00 17.37 ? 121 HOH A O   1 
HETATM 592 O  O   . HOH B 2 .  ? -1.147  -10.140 12.200  1.00 16.62 ? 122 HOH A O   1 
HETATM 593 O  O   . HOH B 2 .  ? 8.734   -9.329  -5.153  1.00 20.15 ? 123 HOH A O   1 
HETATM 594 O  O   . HOH B 2 .  ? 8.179   -2.907  -15.129 1.00 51.10 ? 124 HOH A O   1 
HETATM 595 O  O   . HOH B 2 .  ? 10.736  -10.685 -7.182  1.00 18.82 ? 125 HOH A O   1 
HETATM 596 O  O   . HOH B 2 .  ? -13.627 2.957   3.220   1.00 18.28 ? 126 HOH A O   1 
HETATM 597 O  O   . HOH B 2 .  ? -6.472  -3.438  -10.702 1.00 18.26 ? 127 HOH A O   1 
HETATM 598 O  O   . HOH B 2 .  ? 11.946  7.406   3.550   1.00 23.75 ? 128 HOH A O   1 
HETATM 599 O  O   . HOH B 2 .  ? -5.095  4.526   2.557   1.00 12.94 ? 129 HOH A O   1 
HETATM 600 O  O   . HOH B 2 .  ? 12.413  -3.249  -1.859  1.00 19.89 ? 130 HOH A O   1 
HETATM 601 O  O   . HOH B 2 .  ? -0.572  7.035   -12.051 1.00 29.54 ? 131 HOH A O   1 
HETATM 602 O  O   . HOH B 2 .  ? 8.986   10.054  9.951   1.00 24.04 ? 132 HOH A O   1 
HETATM 603 O  O   . HOH B 2 .  ? -14.032 -8.385  1.770   1.00 26.31 ? 133 HOH A O   1 
HETATM 604 O  O   . HOH B 2 .  ? 13.397  -2.677  8.659   1.00 18.03 ? 134 HOH A O   1 
HETATM 605 O  O   . HOH B 2 .  ? 14.346  -9.989  -7.843  1.00 20.37 ? 135 HOH A O   1 
HETATM 606 O  O   . HOH B 2 .  ? 15.084  -3.550  -14.365 1.00 26.82 ? 136 HOH A O   1 
HETATM 607 O  O   . HOH B 2 .  ? 9.714   7.287   1.068   1.00 37.16 ? 137 HOH A O   1 
HETATM 608 O  O   . HOH B 2 .  ? 12.127  -5.397  -8.686  1.00 21.30 ? 138 HOH A O   1 
HETATM 609 O  O   . HOH B 2 .  ? -1.550  -2.413  -13.383 1.00 44.13 ? 139 HOH A O   1 
HETATM 610 O  O   . HOH B 2 .  ? 14.181  1.736   -6.421  1.00 25.84 ? 140 HOH A O   1 
HETATM 611 O  O   . HOH B 2 .  ? -2.439  -3.519  14.684  1.00 37.95 ? 141 HOH A O   1 
HETATM 612 O  O   . HOH B 2 .  ? 5.773   -0.009  -15.257 1.00 35.35 ? 142 HOH A O   1 
HETATM 613 O  O   . HOH B 2 .  ? -0.327  8.659   -1.728  1.00 19.11 ? 143 HOH A O   1 
HETATM 614 O  O   . HOH B 2 .  ? 0.414   7.056   9.231   1.00 30.01 ? 144 HOH A O   1 
HETATM 615 O  O   . HOH B 2 .  ? -4.574  -2.387  -12.673 1.00 25.79 ? 145 HOH A O   1 
HETATM 616 O  O   . HOH B 2 .  ? -12.437 5.690   3.095   1.00 33.42 ? 146 HOH A O   1 
HETATM 617 O  O   . HOH B 2 .  ? 9.076   1.898   11.930  1.00 23.16 ? 147 HOH A O   1 
HETATM 618 O  O   . HOH B 2 .  ? -13.846 -4.660  6.280   1.00 29.60 ? 148 HOH A O   1 
HETATM 619 O  O   . HOH B 2 .  ? -7.714  5.458   0.814   1.00 35.12 ? 149 HOH A O   1 
HETATM 620 O  O   . HOH B 2 .  ? -11.056 2.109   3.823   1.00 32.28 ? 150 HOH A O   1 
HETATM 621 O  O   . HOH B 2 .  ? 14.138  -4.310  6.573   1.00 27.62 ? 151 HOH A O   1 
HETATM 622 O  O   . HOH B 2 .  ? 16.391  -2.199  -9.314  1.00 28.84 ? 152 HOH A O   1 
HETATM 623 O  O   . HOH B 2 .  ? 13.405  -1.285  0.983   1.00 25.66 ? 153 HOH A O   1 
HETATM 624 O  O   . HOH B 2 .  ? 15.849  -3.147  7.895   1.00 46.26 ? 154 HOH A O   1 
HETATM 625 O  O   . HOH B 2 .  ? 4.793   -0.331  -17.751 1.00 36.78 ? 155 HOH A O   1 
HETATM 626 O  O   . HOH B 2 .  ? 12.216  -1.919  10.910  1.00 35.18 ? 156 HOH A O   1 
HETATM 627 O  O   . HOH B 2 .  ? 3.997   -2.781  15.798  1.00 45.44 ? 157 HOH A O   1 
HETATM 628 O  O   . HOH B 2 .  ? -2.350  -9.114  -0.936  1.00 30.47 ? 158 HOH A O   1 
HETATM 629 O  O   . HOH B 2 .  ? 9.583   -2.318  11.433  1.00 27.62 ? 159 HOH A O   1 
HETATM 630 O  O   . HOH B 2 .  ? 4.414   -1.638  -10.788 1.00 40.98 ? 160 HOH A O   1 
HETATM 631 O  O   . HOH B 2 .  ? 4.942   10.761  10.652  1.00 34.95 ? 161 HOH A O   1 
HETATM 632 O  O   . HOH B 2 .  ? 5.303   -5.213  13.434  1.00 36.90 ? 162 HOH A O   1 
HETATM 633 O  O   . HOH B 2 .  ? -6.771  -2.235  -14.379 1.00 48.21 ? 163 HOH A O   1 
HETATM 634 O  O   . HOH B 2 .  ? 14.710  -2.147  3.297   1.00 32.34 ? 164 HOH A O   1 
HETATM 635 O  O   . HOH B 2 .  ? 0.841   0.505   -8.987  1.00 24.29 ? 165 HOH A O   1 
HETATM 636 O  O   . HOH B 2 .  ? 12.450  -12.659 -6.382  1.00 38.30 ? 166 HOH A O   1 
HETATM 637 O  O   . HOH B 2 .  ? 1.694   5.955   7.172   1.00 41.94 ? 167 HOH A O   1 
# 
